data_6T40
#
_entry.id   6T40
#
_cell.length_a   342.7
_cell.length_b   348.3
_cell.length_c   351.6
_cell.angle_alpha   90
_cell.angle_beta   90
_cell.angle_gamma   90
#
_symmetry.space_group_name_H-M   'I 2 2 2'
#
loop_
_entity.id
_entity.type
_entity.pdbx_description
1 polymer VP1
2 polymer VP2
3 polymer VP3
4 polymer VP4
5 non-polymer GLYCINE
6 non-polymer 'STEARIC ACID'
7 non-polymer 'POTASSIUM ION'
8 non-polymer 'SULFATE ION'
9 non-polymer GLYCEROL
10 non-polymer CYSTEINE
11 non-polymer 'CHLORIDE ION'
12 water water
#
loop_
_entity_poly.entity_id
_entity_poly.type
_entity_poly.pdbx_seq_one_letter_code
_entity_poly.pdbx_strand_id
1 'polypeptide(L)'
;GETGQVIKSAVRSTVENTVQSTHSITTEATPALQAAETGATSNASDESMIETRNVVNTHGVAETSLEAFYGRAGLVAMFS
TDGGIYRWYINFGEYVQLRAKLELLTYARFDMEFTIVAQVVNAQSKVQDFNVDYQVMFVPPGASVPENQDSYQWQSSCNP
SVISNTGLPPARVSVPFMSSANAYSFSYDGYTQFGDTSGSSYGIVPSNYLGMLVVRTCEDLDGTRLRVRVYAKPKHVKGW
IPRSPRMTPYKSRYTGVYTDTTKFCANRARITTAG
;
A
2 'polypeptide(L)'
;SAEACGYSDRVAQLTLGNSTITTQEAANIVVGYGRWPTSLRDTDATAVDKPTQPGVSAERFYTLPSVQWTNSFKGHYWKL
PDALSELGLFGQNLQFHYLYRGGWVIHVQCNATKFHQGTLLVVATPEHKIQSAESPAFARTNPGEQGAAYQFPFTFEDGT
ALGNALIYPHQWVNLRTNNSATLVLPYVNALPMDSGIRHNNWTLSVIPIVPLEYAAGATTYVPITVTIAPMCTEYNGLRA
AVTQ
;
B
3 'polypeptide(L)'
;GIPTLYTPGSGQFLTTDDFQTPCMLPKFQPTPVIDIPGEVKNFLEVVQVESLVEINNVESAEGVARYRIPLNVQDAMDGQ
IMALRVDPGIDGPMQSTLLGVFTRYYAQWSGSLDFTFMFCGTFMTTGKVIIAYTPPGGDQPTNRRQAMLGTHVVWDFGLQ
SSITLVVPWISSGHFRGTTLENTIYKYRYYEAGYITMWYQTNMVVPPNFPTTASILMFVAAQPNFSLRILKDRPDISQEG
ALQ
;
C
4 'polypeptide(L)' MGAQMSKNTAGSHTTGTYATGGSNIHYTNINYYENAASNSLNKQDFTQDPEKFTRPVVDVMKEAAVPLKSP D
#
loop_
_chem_comp.id
_chem_comp.type
_chem_comp.name
_chem_comp.formula
CL non-polymer 'CHLORIDE ION' 'Cl -1'
GOL non-polymer GLYCEROL 'C3 H8 O3'
K non-polymer 'POTASSIUM ION' 'K 1'
SO4 non-polymer 'SULFATE ION' 'O4 S -2'
STE non-polymer 'STEARIC ACID' 'C18 H36 O2'
#
# COMPACT_ATOMS: atom_id res chain seq x y z
N GLY A 4 6.34 5.36 -21.79
CA GLY A 4 6.44 6.45 -20.78
C GLY A 4 7.18 6.03 -19.52
N GLN A 5 7.55 4.75 -19.46
CA GLN A 5 8.26 4.21 -18.30
C GLN A 5 9.74 4.60 -18.35
N VAL A 6 10.14 5.46 -17.41
CA VAL A 6 11.53 5.91 -17.35
C VAL A 6 12.36 5.17 -16.30
N ILE A 7 11.69 4.29 -15.55
CA ILE A 7 12.37 3.51 -14.52
C ILE A 7 12.23 2.02 -14.83
N LYS A 8 13.36 1.36 -15.09
CA LYS A 8 13.36 -0.06 -15.41
C LYS A 8 13.07 -0.95 -14.21
N SER A 9 12.68 -2.19 -14.47
CA SER A 9 12.38 -3.15 -13.42
C SER A 9 12.93 -4.54 -13.73
N ALA A 10 14.26 -4.66 -13.70
CA ALA A 10 14.91 -5.94 -13.96
C ALA A 10 14.48 -6.95 -12.89
N VAL A 11 14.40 -8.23 -13.26
CA VAL A 11 13.98 -9.26 -12.31
C VAL A 11 15.17 -9.97 -11.65
N ARG A 12 14.97 -10.41 -10.41
CA ARG A 12 15.99 -11.11 -9.64
C ARG A 12 15.35 -12.36 -9.04
N SER A 13 16.15 -13.40 -8.82
CA SER A 13 15.64 -14.64 -8.23
C SER A 13 16.24 -14.87 -6.85
N THR A 14 17.16 -13.99 -6.45
CA THR A 14 17.79 -14.07 -5.11
C THR A 14 17.99 -12.65 -4.61
N VAL A 15 18.17 -12.48 -3.30
CA VAL A 15 18.38 -11.16 -2.73
C VAL A 15 19.78 -10.70 -3.11
N GLU A 16 20.13 -9.45 -2.82
CA GLU A 16 21.44 -8.94 -3.20
C GLU A 16 22.61 -9.43 -2.34
N ASN A 17 23.74 -9.69 -2.99
CA ASN A 17 24.96 -10.13 -2.28
C ASN A 17 25.56 -8.95 -1.55
N THR A 18 26.52 -9.24 -0.68
CA THR A 18 27.24 -8.19 0.03
C THR A 18 28.67 -8.31 -0.50
N VAL A 19 29.27 -7.18 -0.82
CA VAL A 19 30.64 -7.17 -1.32
C VAL A 19 31.52 -6.53 -0.25
N GLN A 20 32.73 -7.05 -0.08
CA GLN A 20 33.65 -6.52 0.91
C GLN A 20 33.93 -5.06 0.63
N SER A 21 34.04 -4.25 1.68
CA SER A 21 34.32 -2.83 1.51
C SER A 21 35.38 -2.41 2.51
N THR A 22 36.03 -1.28 2.24
CA THR A 22 37.06 -0.80 3.15
C THR A 22 36.69 0.58 3.67
N HIS A 23 37.58 1.19 4.45
CA HIS A 23 37.30 2.50 5.01
C HIS A 23 37.24 3.57 3.93
N SER A 24 36.66 4.71 4.28
CA SER A 24 36.54 5.82 3.34
C SER A 24 36.62 7.11 4.13
N ILE A 25 37.60 7.94 3.78
CA ILE A 25 37.80 9.23 4.45
C ILE A 25 37.87 10.25 3.32
N THR A 26 36.75 10.90 3.04
CA THR A 26 36.71 11.87 1.94
C THR A 26 35.62 12.93 2.05
N THR A 27 35.73 13.94 1.21
CA THR A 27 34.75 15.02 1.16
C THR A 27 33.90 14.78 -0.09
N GLU A 28 34.33 13.83 -0.91
CA GLU A 28 33.60 13.52 -2.14
C GLU A 28 32.33 12.72 -1.89
N ALA A 29 32.47 11.41 -1.72
CA ALA A 29 31.34 10.52 -1.52
C ALA A 29 30.71 10.61 -0.12
N THR A 30 29.41 10.90 -0.08
CA THR A 30 28.68 10.99 1.19
C THR A 30 27.37 10.20 1.12
N PRO A 31 27.46 8.86 1.03
CA PRO A 31 26.29 7.97 0.96
C PRO A 31 25.26 8.16 2.07
N ALA A 32 25.73 8.45 3.28
CA ALA A 32 24.83 8.61 4.43
C ALA A 32 23.90 9.81 4.39
N LEU A 33 24.30 10.89 3.71
CA LEU A 33 23.47 12.09 3.64
C LEU A 33 22.28 11.86 2.73
N GLN A 34 21.08 12.13 3.23
CA GLN A 34 19.88 11.89 2.43
C GLN A 34 18.93 13.08 2.48
N ALA A 35 17.82 12.96 1.78
CA ALA A 35 16.80 14.01 1.73
C ALA A 35 15.45 13.35 1.45
N ALA A 36 14.76 12.96 2.53
CA ALA A 36 13.47 12.30 2.38
C ALA A 36 12.42 13.16 1.68
N GLU A 37 12.62 14.47 1.67
CA GLU A 37 11.66 15.38 1.02
C GLU A 37 11.43 15.05 -0.45
N THR A 38 12.44 14.48 -1.10
CA THR A 38 12.34 14.15 -2.52
C THR A 38 11.29 13.08 -2.82
N GLY A 39 10.92 12.32 -1.80
CA GLY A 39 9.94 11.26 -2.00
C GLY A 39 10.62 9.94 -2.30
N ALA A 40 11.95 9.97 -2.37
CA ALA A 40 12.72 8.77 -2.66
C ALA A 40 13.23 8.13 -1.38
N THR A 41 13.22 6.81 -1.35
CA THR A 41 13.72 6.04 -0.21
C THR A 41 15.25 6.12 -0.28
N SER A 42 15.91 6.15 0.87
CA SER A 42 17.38 6.23 0.93
C SER A 42 18.07 5.24 0.00
N ASN A 43 19.19 5.63 -0.58
CA ASN A 43 19.92 4.70 -1.45
C ASN A 43 21.26 4.32 -0.83
N ALA A 44 21.40 4.56 0.47
CA ALA A 44 22.63 4.22 1.17
C ALA A 44 22.72 2.69 1.26
N SER A 45 23.85 2.14 0.84
CA SER A 45 24.02 0.69 0.87
C SER A 45 24.82 0.26 2.10
N ASP A 46 24.69 -1.00 2.48
CA ASP A 46 25.41 -1.53 3.64
C ASP A 46 26.90 -1.26 3.50
N GLU A 47 27.43 -1.58 2.31
CA GLU A 47 28.86 -1.42 2.03
C GLU A 47 29.40 0.00 2.17
N SER A 48 28.51 0.99 2.07
CA SER A 48 28.92 2.39 2.17
C SER A 48 28.85 2.93 3.59
N MET A 49 28.11 2.26 4.46
CA MET A 49 27.93 2.73 5.83
C MET A 49 28.87 2.09 6.84
N ILE A 50 29.34 0.88 6.53
CA ILE A 50 30.26 0.17 7.41
C ILE A 50 31.18 -0.67 6.53
N GLU A 51 32.25 -1.19 7.12
CA GLU A 51 33.13 -2.06 6.36
C GLU A 51 32.45 -3.43 6.39
N THR A 52 32.20 -3.97 5.20
CA THR A 52 31.53 -5.25 5.06
C THR A 52 32.45 -6.34 4.55
N ARG A 53 31.97 -7.58 4.61
CA ARG A 53 32.72 -8.73 4.11
C ARG A 53 31.97 -9.21 2.88
N ASN A 54 32.53 -10.20 2.19
CA ASN A 54 31.85 -10.76 1.03
C ASN A 54 30.83 -11.77 1.54
N VAL A 55 29.61 -11.67 1.04
CA VAL A 55 28.57 -12.63 1.40
C VAL A 55 27.85 -13.00 0.11
N VAL A 56 28.03 -14.24 -0.33
CA VAL A 56 27.34 -14.72 -1.52
C VAL A 56 26.01 -15.17 -0.95
N ASN A 57 25.02 -14.30 -1.07
CA ASN A 57 23.70 -14.55 -0.49
C ASN A 57 22.76 -15.26 -1.45
N THR A 58 22.46 -16.53 -1.18
CA THR A 58 21.57 -17.26 -2.06
C THR A 58 20.12 -17.32 -1.58
N HIS A 59 19.75 -16.47 -0.62
CA HIS A 59 18.39 -16.46 -0.13
C HIS A 59 17.44 -16.14 -1.28
N GLY A 60 16.38 -16.93 -1.42
CA GLY A 60 15.43 -16.70 -2.49
C GLY A 60 14.42 -15.63 -2.17
N VAL A 61 13.53 -15.35 -3.13
CA VAL A 61 12.50 -14.32 -2.96
C VAL A 61 11.11 -14.87 -3.29
N ALA A 62 11.05 -16.18 -3.53
CA ALA A 62 9.79 -16.82 -3.93
C ALA A 62 8.57 -16.66 -3.04
N GLU A 63 8.71 -16.86 -1.73
CA GLU A 63 7.55 -16.79 -0.85
C GLU A 63 6.85 -15.45 -0.70
N THR A 64 7.45 -14.39 -1.23
CA THR A 64 6.82 -13.07 -1.16
C THR A 64 6.27 -12.64 -2.53
N SER A 65 6.35 -13.52 -3.53
CA SER A 65 5.81 -13.19 -4.84
C SER A 65 4.29 -13.12 -4.68
N LEU A 66 3.60 -12.44 -5.59
CA LEU A 66 2.15 -12.35 -5.49
C LEU A 66 1.54 -13.74 -5.50
N GLU A 67 2.07 -14.62 -6.34
CA GLU A 67 1.54 -15.96 -6.44
C GLU A 67 1.69 -16.74 -5.12
N ALA A 68 2.83 -16.57 -4.47
CA ALA A 68 3.08 -17.27 -3.20
C ALA A 68 2.30 -16.68 -2.05
N PHE A 69 2.08 -15.37 -2.08
CA PHE A 69 1.34 -14.68 -1.03
C PHE A 69 -0.16 -14.98 -1.10
N TYR A 70 -0.72 -14.88 -2.30
CA TYR A 70 -2.15 -15.10 -2.51
C TYR A 70 -2.57 -16.52 -2.86
N GLY A 71 -1.64 -17.28 -3.40
CA GLY A 71 -1.92 -18.64 -3.84
C GLY A 71 -2.33 -19.74 -2.87
N ARG A 72 -3.23 -19.44 -1.95
CA ARG A 72 -3.71 -20.46 -1.02
C ARG A 72 -5.14 -20.13 -0.65
N ALA A 73 -5.92 -21.16 -0.30
CA ALA A 73 -7.33 -20.98 0.01
C ALA A 73 -7.62 -20.27 1.33
N GLY A 74 -8.69 -19.48 1.32
CA GLY A 74 -9.11 -18.74 2.48
C GLY A 74 -10.64 -18.73 2.51
N LEU A 75 -11.23 -18.76 3.70
CA LEU A 75 -12.69 -18.77 3.81
C LEU A 75 -13.33 -17.48 3.29
N VAL A 76 -14.37 -17.60 2.47
CA VAL A 76 -15.07 -16.43 1.95
C VAL A 76 -16.57 -16.48 2.26
N ALA A 77 -17.10 -17.66 2.56
CA ALA A 77 -18.51 -17.79 2.88
C ALA A 77 -18.75 -18.96 3.83
N MET A 78 -19.74 -18.80 4.70
CA MET A 78 -20.10 -19.84 5.66
C MET A 78 -21.54 -19.60 6.05
N PHE A 79 -22.38 -20.61 5.84
CA PHE A 79 -23.79 -20.46 6.14
C PHE A 79 -24.50 -21.80 6.26
N SER A 80 -25.76 -21.74 6.69
CA SER A 80 -26.59 -22.93 6.83
C SER A 80 -27.86 -22.68 6.03
N THR A 81 -28.35 -23.71 5.36
CA THR A 81 -29.57 -23.56 4.58
C THR A 81 -30.76 -23.32 5.51
N ASP A 82 -31.80 -22.74 4.95
CA ASP A 82 -33.04 -22.46 5.66
C ASP A 82 -34.13 -22.88 4.68
N GLY A 83 -34.90 -23.89 5.04
CA GLY A 83 -35.93 -24.36 4.13
C GLY A 83 -35.25 -25.11 2.98
N GLY A 84 -34.04 -25.58 3.23
CA GLY A 84 -33.30 -26.33 2.24
C GLY A 84 -32.60 -25.49 1.18
N ILE A 85 -32.52 -24.19 1.40
CA ILE A 85 -31.88 -23.30 0.43
C ILE A 85 -31.16 -22.12 1.07
N TYR A 86 -30.16 -21.60 0.38
CA TYR A 86 -29.43 -20.43 0.85
C TYR A 86 -28.90 -19.68 -0.36
N ARG A 87 -29.04 -18.35 -0.32
CA ARG A 87 -28.57 -17.50 -1.41
C ARG A 87 -27.41 -16.65 -0.91
N TRP A 88 -26.23 -16.85 -1.50
CA TRP A 88 -25.04 -16.10 -1.09
C TRP A 88 -24.56 -15.19 -2.21
N TYR A 89 -24.58 -13.88 -1.95
CA TYR A 89 -24.11 -12.90 -2.93
C TYR A 89 -22.59 -12.99 -2.91
N ILE A 90 -21.98 -13.24 -4.06
CA ILE A 90 -20.53 -13.39 -4.14
C ILE A 90 -19.80 -12.08 -3.89
N ASN A 91 -19.13 -12.03 -2.74
CA ASN A 91 -18.36 -10.87 -2.32
C ASN A 91 -17.40 -11.36 -1.24
N PHE A 92 -16.23 -10.74 -1.13
CA PHE A 92 -15.25 -11.18 -0.14
C PHE A 92 -15.08 -10.23 1.05
N GLY A 93 -16.18 -9.64 1.50
CA GLY A 93 -16.09 -8.72 2.62
C GLY A 93 -16.56 -9.26 3.96
N GLU A 94 -17.18 -10.45 3.96
CA GLU A 94 -17.69 -11.03 5.20
C GLU A 94 -16.62 -11.53 6.15
N TYR A 95 -15.58 -12.16 5.61
CA TYR A 95 -14.50 -12.72 6.42
C TYR A 95 -13.23 -11.92 6.15
N VAL A 96 -12.77 -11.26 7.21
CA VAL A 96 -11.63 -10.34 7.15
C VAL A 96 -10.24 -10.77 6.72
N GLN A 97 -9.84 -12.01 6.97
CA GLN A 97 -8.48 -12.39 6.60
C GLN A 97 -8.18 -12.25 5.11
N LEU A 98 -8.96 -12.90 4.25
CA LEU A 98 -8.70 -12.78 2.82
C LEU A 98 -8.95 -11.35 2.35
N ARG A 99 -9.96 -10.71 2.93
CA ARG A 99 -10.30 -9.34 2.57
C ARG A 99 -9.11 -8.40 2.76
N ALA A 100 -8.47 -8.47 3.91
CA ALA A 100 -7.33 -7.60 4.20
C ALA A 100 -6.17 -7.87 3.23
N LYS A 101 -6.00 -9.13 2.82
CA LYS A 101 -4.93 -9.48 1.90
C LYS A 101 -5.16 -8.83 0.53
N LEU A 102 -6.37 -8.96 0.02
CA LEU A 102 -6.70 -8.39 -1.28
C LEU A 102 -6.55 -6.88 -1.32
N GLU A 103 -6.88 -6.21 -0.22
CA GLU A 103 -6.80 -4.76 -0.17
C GLU A 103 -5.37 -4.21 -0.15
N LEU A 104 -4.38 -5.10 -0.22
CA LEU A 104 -2.98 -4.68 -0.26
C LEU A 104 -2.62 -4.26 -1.68
N LEU A 105 -3.53 -4.50 -2.62
CA LEU A 105 -3.34 -4.13 -4.02
C LEU A 105 -4.53 -3.28 -4.46
N THR A 106 -4.29 -2.36 -5.39
CA THR A 106 -5.39 -1.52 -5.87
C THR A 106 -6.13 -2.27 -6.97
N TYR A 107 -5.37 -2.83 -7.91
CA TYR A 107 -5.95 -3.59 -9.02
C TYR A 107 -5.27 -4.94 -9.13
N ALA A 108 -6.03 -5.95 -9.53
CA ALA A 108 -5.46 -7.27 -9.68
C ALA A 108 -6.30 -8.16 -10.59
N ARG A 109 -5.63 -8.99 -11.36
CA ARG A 109 -6.28 -9.95 -12.23
C ARG A 109 -5.88 -11.30 -11.66
N PHE A 110 -6.82 -12.23 -11.61
CA PHE A 110 -6.51 -13.56 -11.16
C PHE A 110 -7.67 -14.49 -11.40
N ASP A 111 -7.34 -15.76 -11.53
CA ASP A 111 -8.35 -16.79 -11.70
C ASP A 111 -8.57 -17.22 -10.27
N MET A 112 -9.58 -18.05 -10.02
CA MET A 112 -9.82 -18.50 -8.66
C MET A 112 -10.23 -19.94 -8.63
N GLU A 113 -9.85 -20.60 -7.55
CA GLU A 113 -10.21 -21.99 -7.33
C GLU A 113 -11.14 -21.93 -6.13
N PHE A 114 -12.38 -22.37 -6.30
CA PHE A 114 -13.34 -22.39 -5.21
C PHE A 114 -13.47 -23.81 -4.69
N THR A 115 -13.41 -23.96 -3.37
CA THR A 115 -13.55 -25.27 -2.75
C THR A 115 -14.72 -25.19 -1.79
N ILE A 116 -15.61 -26.17 -1.86
CA ILE A 116 -16.79 -26.18 -1.02
C ILE A 116 -16.82 -27.39 -0.07
N VAL A 117 -16.91 -27.09 1.22
CA VAL A 117 -16.96 -28.13 2.25
C VAL A 117 -18.33 -28.05 2.90
N ALA A 118 -19.09 -29.13 2.84
CA ALA A 118 -20.43 -29.15 3.40
C ALA A 118 -20.72 -30.37 4.26
N GLN A 119 -21.57 -30.17 5.27
CA GLN A 119 -21.98 -31.27 6.12
C GLN A 119 -23.35 -30.97 6.69
N VAL A 120 -24.01 -31.99 7.22
CA VAL A 120 -25.34 -31.84 7.78
C VAL A 120 -25.26 -31.56 9.28
N VAL A 121 -26.08 -30.62 9.76
CA VAL A 121 -26.13 -30.30 11.19
C VAL A 121 -27.59 -30.28 11.61
N ASN A 122 -27.86 -30.53 12.89
CA ASN A 122 -29.25 -30.51 13.33
C ASN A 122 -29.63 -29.13 13.85
N ALA A 123 -30.83 -29.01 14.41
CA ALA A 123 -31.33 -27.73 14.91
C ALA A 123 -30.45 -27.12 16.01
N GLN A 124 -29.75 -27.96 16.76
CA GLN A 124 -28.88 -27.49 17.83
C GLN A 124 -27.45 -27.29 17.32
N SER A 125 -27.30 -27.29 16.01
CA SER A 125 -26.00 -27.10 15.37
C SER A 125 -24.99 -28.20 15.70
N LYS A 126 -25.49 -29.42 15.88
CA LYS A 126 -24.61 -30.55 16.14
C LYS A 126 -24.44 -31.28 14.82
N VAL A 127 -23.19 -31.57 14.46
CA VAL A 127 -22.92 -32.23 13.19
C VAL A 127 -23.47 -33.65 13.15
N GLN A 128 -23.94 -34.05 11.97
CA GLN A 128 -24.51 -35.38 11.76
C GLN A 128 -23.67 -36.16 10.77
N ASP A 129 -23.64 -37.48 10.92
CA ASP A 129 -22.93 -38.33 9.96
C ASP A 129 -24.07 -38.70 9.02
N PHE A 130 -24.28 -37.87 8.01
CA PHE A 130 -25.38 -38.08 7.07
C PHE A 130 -24.96 -37.62 5.69
N ASN A 131 -24.89 -38.56 4.76
CA ASN A 131 -24.50 -38.24 3.39
C ASN A 131 -25.71 -37.75 2.61
N VAL A 132 -25.61 -36.57 2.03
CA VAL A 132 -26.71 -36.02 1.26
C VAL A 132 -26.18 -35.30 0.03
N ASP A 133 -26.92 -35.36 -1.07
CA ASP A 133 -26.52 -34.69 -2.29
C ASP A 133 -26.91 -33.22 -2.18
N TYR A 134 -26.02 -32.33 -2.61
CA TYR A 134 -26.30 -30.91 -2.56
C TYR A 134 -25.93 -30.31 -3.92
N GLN A 135 -26.54 -29.16 -4.22
CA GLN A 135 -26.29 -28.49 -5.48
C GLN A 135 -25.95 -27.03 -5.25
N VAL A 136 -24.88 -26.59 -5.90
CA VAL A 136 -24.44 -25.20 -5.80
C VAL A 136 -24.57 -24.65 -7.21
N MET A 137 -25.46 -23.68 -7.38
CA MET A 137 -25.67 -23.10 -8.70
C MET A 137 -25.20 -21.65 -8.76
N PHE A 138 -24.42 -21.34 -9.79
CA PHE A 138 -23.94 -19.98 -9.99
C PHE A 138 -24.99 -19.25 -10.81
N VAL A 139 -25.58 -18.21 -10.24
CA VAL A 139 -26.60 -17.43 -10.93
C VAL A 139 -26.06 -16.05 -11.26
N PRO A 140 -25.70 -15.81 -12.52
CA PRO A 140 -25.16 -14.50 -12.93
C PRO A 140 -26.23 -13.43 -12.80
N PRO A 141 -25.84 -12.16 -12.64
CA PRO A 141 -26.81 -11.06 -12.51
C PRO A 141 -27.74 -11.03 -13.72
N GLY A 142 -29.04 -10.94 -13.46
CA GLY A 142 -29.99 -10.91 -14.55
C GLY A 142 -30.73 -12.22 -14.69
N ALA A 143 -30.15 -13.30 -14.19
CA ALA A 143 -30.80 -14.61 -14.25
C ALA A 143 -31.71 -14.73 -13.03
N SER A 144 -32.78 -15.50 -13.17
CA SER A 144 -33.75 -15.69 -12.09
C SER A 144 -33.19 -16.54 -10.95
N VAL A 145 -33.31 -16.04 -9.72
CA VAL A 145 -32.83 -16.76 -8.54
C VAL A 145 -33.98 -17.59 -7.96
N PRO A 146 -33.76 -18.90 -7.77
CA PRO A 146 -34.82 -19.74 -7.21
C PRO A 146 -35.28 -19.30 -5.83
N GLU A 147 -36.58 -19.33 -5.61
CA GLU A 147 -37.15 -18.93 -4.33
C GLU A 147 -37.21 -20.12 -3.38
N ASN A 148 -37.38 -21.32 -3.94
CA ASN A 148 -37.49 -22.51 -3.12
C ASN A 148 -36.52 -23.62 -3.53
N GLN A 149 -36.43 -24.62 -2.66
CA GLN A 149 -35.57 -25.78 -2.85
C GLN A 149 -35.97 -26.59 -4.08
N ASP A 150 -37.21 -26.45 -4.53
CA ASP A 150 -37.68 -27.22 -5.69
C ASP A 150 -38.10 -26.38 -6.90
N SER A 151 -37.68 -25.13 -6.95
CA SER A 151 -38.02 -24.24 -8.07
C SER A 151 -37.41 -24.71 -9.39
N TYR A 152 -38.02 -24.33 -10.50
CA TYR A 152 -37.55 -24.74 -11.83
C TYR A 152 -36.12 -24.29 -12.19
N GLN A 153 -35.65 -23.20 -11.61
CA GLN A 153 -34.31 -22.71 -11.94
C GLN A 153 -33.22 -23.75 -11.66
N TRP A 154 -33.49 -24.68 -10.77
CA TRP A 154 -32.51 -25.71 -10.44
C TRP A 154 -32.23 -26.65 -11.61
N GLN A 155 -33.03 -26.57 -12.67
CA GLN A 155 -32.81 -27.38 -13.87
C GLN A 155 -31.41 -27.04 -14.36
N SER A 156 -31.02 -25.79 -14.12
CA SER A 156 -29.70 -25.26 -14.46
C SER A 156 -29.18 -25.61 -15.85
N SER A 157 -30.02 -25.44 -16.88
CA SER A 157 -29.60 -25.78 -18.24
C SER A 157 -28.54 -24.84 -18.81
N CYS A 158 -28.43 -23.64 -18.26
CA CYS A 158 -27.43 -22.67 -18.71
C CYS A 158 -26.52 -22.25 -17.56
N ASN A 159 -27.11 -21.98 -16.40
CA ASN A 159 -26.32 -21.59 -15.23
C ASN A 159 -25.41 -22.77 -14.89
N PRO A 160 -24.15 -22.49 -14.53
CA PRO A 160 -23.29 -23.61 -14.17
C PRO A 160 -23.71 -24.09 -12.77
N SER A 161 -23.68 -25.40 -12.54
CA SER A 161 -24.02 -25.95 -11.25
C SER A 161 -23.04 -27.06 -10.93
N VAL A 162 -22.80 -27.29 -9.64
CA VAL A 162 -21.96 -28.40 -9.26
C VAL A 162 -22.77 -29.16 -8.22
N ILE A 163 -22.95 -30.45 -8.49
CA ILE A 163 -23.70 -31.32 -7.60
C ILE A 163 -22.73 -32.31 -6.98
N SER A 164 -22.70 -32.37 -5.66
CA SER A 164 -21.82 -33.31 -4.99
C SER A 164 -22.54 -33.89 -3.79
N ASN A 165 -21.79 -34.52 -2.91
CA ASN A 165 -22.39 -35.16 -1.74
C ASN A 165 -21.51 -34.90 -0.52
N THR A 166 -22.15 -34.75 0.65
CA THR A 166 -21.40 -34.50 1.87
C THR A 166 -20.52 -35.72 2.19
N GLY A 167 -20.78 -36.82 1.50
CA GLY A 167 -19.99 -38.03 1.73
C GLY A 167 -18.80 -38.12 0.79
N LEU A 168 -18.70 -37.18 -0.14
CA LEU A 168 -17.58 -37.13 -1.08
C LEU A 168 -16.60 -36.05 -0.65
N PRO A 169 -15.41 -35.99 -1.27
CA PRO A 169 -14.45 -34.97 -0.89
C PRO A 169 -15.06 -33.61 -1.22
N PRO A 170 -14.47 -32.52 -0.70
CA PRO A 170 -15.01 -31.19 -0.98
C PRO A 170 -15.10 -30.95 -2.50
N ALA A 171 -16.12 -30.23 -2.94
CA ALA A 171 -16.27 -29.93 -4.36
C ALA A 171 -15.26 -28.84 -4.68
N ARG A 172 -14.84 -28.77 -5.93
CA ARG A 172 -13.86 -27.76 -6.31
C ARG A 172 -13.90 -27.43 -7.80
N VAL A 173 -13.93 -26.15 -8.12
CA VAL A 173 -13.95 -25.71 -9.51
C VAL A 173 -13.13 -24.44 -9.66
N SER A 174 -12.54 -24.25 -10.84
CA SER A 174 -11.76 -23.06 -11.12
C SER A 174 -12.65 -22.07 -11.89
N VAL A 175 -12.39 -20.78 -11.71
CA VAL A 175 -13.13 -19.75 -12.43
C VAL A 175 -12.09 -18.80 -13.00
N PRO A 176 -12.33 -18.30 -14.22
CA PRO A 176 -11.39 -17.38 -14.85
C PRO A 176 -11.53 -15.95 -14.32
N PHE A 177 -10.74 -15.04 -14.86
CA PHE A 177 -10.83 -13.63 -14.48
C PHE A 177 -12.09 -13.16 -15.20
N MET A 178 -13.17 -12.99 -14.46
CA MET A 178 -14.47 -12.66 -15.04
C MET A 178 -14.96 -11.22 -15.14
N SER A 179 -14.23 -10.27 -14.56
CA SER A 179 -14.69 -8.88 -14.59
C SER A 179 -14.81 -8.30 -15.99
N SER A 180 -15.73 -7.35 -16.13
CA SER A 180 -15.94 -6.64 -17.38
C SER A 180 -14.78 -5.65 -17.50
N ALA A 181 -14.14 -5.37 -16.37
CA ALA A 181 -12.99 -4.46 -16.33
C ALA A 181 -11.73 -5.23 -16.71
N ASN A 182 -10.59 -4.54 -16.79
CA ASN A 182 -9.36 -5.22 -17.14
C ASN A 182 -8.59 -5.71 -15.93
N ALA A 183 -9.20 -5.52 -14.76
CA ALA A 183 -8.65 -5.96 -13.49
C ALA A 183 -9.71 -5.72 -12.42
N TYR A 184 -9.68 -6.49 -11.34
CA TYR A 184 -10.63 -6.28 -10.25
C TYR A 184 -10.06 -5.06 -9.51
N SER A 185 -10.91 -4.31 -8.82
CA SER A 185 -10.45 -3.15 -8.07
C SER A 185 -10.75 -3.37 -6.60
N PHE A 186 -9.74 -3.20 -5.74
CA PHE A 186 -9.96 -3.37 -4.32
C PHE A 186 -10.01 -2.04 -3.59
N SER A 187 -10.12 -0.98 -4.37
CA SER A 187 -10.28 0.38 -3.86
C SER A 187 -10.89 1.17 -5.00
N TYR A 188 -12.04 1.78 -4.75
CA TYR A 188 -12.73 2.56 -5.78
C TYR A 188 -13.28 3.85 -5.20
N ASP A 189 -12.66 4.96 -5.58
CA ASP A 189 -13.11 6.28 -5.11
C ASP A 189 -14.13 6.84 -6.10
N GLY A 190 -15.32 6.25 -6.08
CA GLY A 190 -16.36 6.70 -6.99
C GLY A 190 -17.72 6.14 -6.60
N TYR A 191 -18.72 6.40 -7.44
CA TYR A 191 -20.08 5.94 -7.18
C TYR A 191 -20.52 4.84 -8.12
N THR A 192 -21.54 4.09 -7.71
CA THR A 192 -22.04 2.98 -8.51
C THR A 192 -22.91 3.38 -9.68
N GLN A 193 -23.39 4.61 -9.69
CA GLN A 193 -24.23 5.03 -10.80
C GLN A 193 -24.27 6.54 -10.97
N PHE A 194 -24.72 6.97 -12.15
CA PHE A 194 -24.86 8.38 -12.46
C PHE A 194 -26.18 8.82 -11.84
N GLY A 195 -26.27 10.08 -11.45
CA GLY A 195 -27.51 10.60 -10.90
C GLY A 195 -27.81 10.29 -9.44
N ASP A 196 -26.87 9.67 -8.75
CA ASP A 196 -27.08 9.34 -7.34
C ASP A 196 -25.79 9.54 -6.57
N THR A 197 -25.85 10.33 -5.52
CA THR A 197 -24.66 10.60 -4.70
C THR A 197 -24.88 10.22 -3.24
N SER A 198 -25.75 9.25 -3.00
CA SER A 198 -26.01 8.80 -1.64
C SER A 198 -24.80 8.02 -1.17
N GLY A 199 -24.48 8.14 0.12
CA GLY A 199 -23.33 7.45 0.67
C GLY A 199 -23.32 5.94 0.47
N SER A 200 -24.50 5.34 0.45
CA SER A 200 -24.61 3.88 0.28
C SER A 200 -24.17 3.41 -1.10
N SER A 201 -24.03 4.32 -2.05
CA SER A 201 -23.61 3.94 -3.40
C SER A 201 -22.16 4.38 -3.67
N TYR A 202 -21.43 4.69 -2.60
CA TYR A 202 -20.05 5.14 -2.72
C TYR A 202 -19.04 4.06 -2.32
N GLY A 203 -17.90 4.04 -3.02
CA GLY A 203 -16.84 3.11 -2.70
C GLY A 203 -16.95 1.66 -3.13
N ILE A 204 -17.92 1.37 -3.99
CA ILE A 204 -18.15 0.02 -4.47
C ILE A 204 -18.15 0.00 -5.99
N VAL A 205 -17.34 -0.85 -6.60
CA VAL A 205 -17.32 -0.93 -8.07
C VAL A 205 -18.17 -2.16 -8.41
N PRO A 206 -19.35 -1.95 -8.99
CA PRO A 206 -20.28 -3.02 -9.36
C PRO A 206 -19.71 -4.18 -10.18
N SER A 207 -18.71 -3.91 -11.00
CA SER A 207 -18.10 -4.95 -11.83
C SER A 207 -17.39 -6.04 -11.02
N ASN A 208 -17.18 -5.78 -9.73
CA ASN A 208 -16.54 -6.75 -8.84
C ASN A 208 -17.56 -7.81 -8.40
N TYR A 209 -18.83 -7.54 -8.64
CA TYR A 209 -19.90 -8.45 -8.24
C TYR A 209 -20.38 -9.25 -9.44
N LEU A 210 -20.00 -10.53 -9.47
CA LEU A 210 -20.34 -11.40 -10.58
C LEU A 210 -21.60 -12.24 -10.43
N GLY A 211 -22.31 -12.08 -9.32
CA GLY A 211 -23.54 -12.84 -9.15
C GLY A 211 -23.68 -13.47 -7.79
N MET A 212 -24.35 -14.61 -7.75
CA MET A 212 -24.53 -15.28 -6.47
C MET A 212 -24.47 -16.79 -6.60
N LEU A 213 -24.25 -17.43 -5.47
CA LEU A 213 -24.23 -18.88 -5.42
C LEU A 213 -25.45 -19.26 -4.60
N VAL A 214 -26.31 -20.08 -5.17
CA VAL A 214 -27.49 -20.51 -4.45
C VAL A 214 -27.28 -22.00 -4.18
N VAL A 215 -27.50 -22.42 -2.94
CA VAL A 215 -27.27 -23.79 -2.54
C VAL A 215 -28.53 -24.46 -2.01
N ARG A 216 -28.66 -25.76 -2.28
CA ARG A 216 -29.80 -26.54 -1.81
C ARG A 216 -29.38 -27.99 -1.67
N THR A 217 -30.21 -28.76 -0.98
CA THR A 217 -29.98 -30.20 -0.91
C THR A 217 -30.94 -30.62 -2.02
N CYS A 218 -30.55 -31.62 -2.82
CA CYS A 218 -31.39 -32.05 -3.93
C CYS A 218 -32.78 -32.51 -3.47
N GLU A 219 -32.85 -33.12 -2.29
CA GLU A 219 -34.12 -33.56 -1.73
C GLU A 219 -34.20 -33.01 -0.31
N ASP A 220 -35.40 -32.99 0.27
CA ASP A 220 -35.59 -32.44 1.61
C ASP A 220 -35.03 -33.22 2.78
N LEU A 221 -34.28 -32.53 3.63
CA LEU A 221 -33.73 -33.14 4.84
C LEU A 221 -34.86 -33.12 5.86
N ASP A 222 -34.86 -34.10 6.76
CA ASP A 222 -35.90 -34.19 7.77
C ASP A 222 -35.44 -33.55 9.08
N GLY A 223 -35.76 -32.27 9.27
CA GLY A 223 -35.39 -31.58 10.49
C GLY A 223 -33.96 -31.07 10.60
N THR A 224 -33.10 -31.48 9.68
CA THR A 224 -31.71 -31.04 9.69
C THR A 224 -31.45 -30.00 8.61
N ARG A 225 -30.24 -29.45 8.58
CA ARG A 225 -29.85 -28.43 7.61
C ARG A 225 -28.49 -28.71 7.03
N LEU A 226 -28.18 -28.04 5.92
CA LEU A 226 -26.88 -28.21 5.29
C LEU A 226 -26.00 -27.03 5.68
N ARG A 227 -24.83 -27.34 6.24
CA ARG A 227 -23.86 -26.32 6.66
C ARG A 227 -22.85 -26.26 5.52
N VAL A 228 -22.55 -25.05 5.05
CA VAL A 228 -21.63 -24.90 3.93
C VAL A 228 -20.54 -23.86 4.16
N ARG A 229 -19.32 -24.20 3.74
CA ARG A 229 -18.19 -23.30 3.82
C ARG A 229 -17.63 -23.20 2.40
N VAL A 230 -17.38 -21.97 1.95
CA VAL A 230 -16.82 -21.76 0.63
C VAL A 230 -15.45 -21.12 0.79
N TYR A 231 -14.45 -21.72 0.16
CA TYR A 231 -13.09 -21.21 0.23
C TYR A 231 -12.70 -20.75 -1.16
N ALA A 232 -11.86 -19.72 -1.23
CA ALA A 232 -11.41 -19.20 -2.52
C ALA A 232 -9.90 -19.09 -2.52
N LYS A 233 -9.28 -19.46 -3.64
CA LYS A 233 -7.83 -19.38 -3.78
C LYS A 233 -7.48 -18.67 -5.07
N PRO A 234 -6.88 -17.46 -4.97
CA PRO A 234 -6.49 -16.73 -6.18
C PRO A 234 -5.38 -17.50 -6.90
N LYS A 235 -5.38 -17.46 -8.23
CA LYS A 235 -4.35 -18.14 -9.03
C LYS A 235 -3.95 -17.23 -10.19
N HIS A 236 -2.70 -17.35 -10.64
CA HIS A 236 -2.20 -16.57 -11.77
C HIS A 236 -2.42 -15.09 -11.54
N VAL A 237 -1.98 -14.63 -10.38
CA VAL A 237 -2.15 -13.25 -9.98
C VAL A 237 -1.24 -12.22 -10.64
N LYS A 238 -1.84 -11.13 -11.08
CA LYS A 238 -1.12 -10.01 -11.67
C LYS A 238 -1.66 -8.84 -10.87
N GLY A 239 -0.78 -8.03 -10.29
CA GLY A 239 -1.24 -6.93 -9.47
C GLY A 239 -0.59 -5.59 -9.74
N TRP A 240 -1.31 -4.52 -9.42
CA TRP A 240 -0.83 -3.16 -9.65
C TRP A 240 -1.13 -2.23 -8.48
N ILE A 241 -0.20 -1.31 -8.25
CA ILE A 241 -0.35 -0.28 -7.23
C ILE A 241 -0.58 -0.75 -5.80
N PRO A 242 0.52 -1.06 -5.09
CA PRO A 242 0.45 -1.52 -3.70
C PRO A 242 -0.25 -0.47 -2.85
N ARG A 243 -1.00 -0.90 -1.85
CA ARG A 243 -1.70 0.04 -1.00
C ARG A 243 -1.26 -0.01 0.45
N SER A 244 -1.62 1.05 1.18
CA SER A 244 -1.32 1.16 2.59
C SER A 244 -2.22 0.09 3.25
N PRO A 245 -1.63 -0.82 4.05
CA PRO A 245 -2.41 -1.88 4.72
C PRO A 245 -3.50 -1.41 5.68
N ARG A 246 -4.56 -2.21 5.81
CA ARG A 246 -5.64 -1.90 6.73
C ARG A 246 -5.01 -1.80 8.13
N MET A 247 -5.38 -0.78 8.90
CA MET A 247 -4.80 -0.61 10.22
C MET A 247 -5.87 -0.40 11.30
N THR A 248 -7.12 -0.70 10.94
CA THR A 248 -8.25 -0.57 11.85
C THR A 248 -9.17 -1.75 11.60
N PRO A 249 -9.94 -2.16 12.61
CA PRO A 249 -10.85 -3.30 12.42
C PRO A 249 -11.92 -3.01 11.38
N TYR A 250 -12.35 -4.04 10.66
CA TYR A 250 -13.42 -3.89 9.68
C TYR A 250 -14.70 -3.89 10.50
N LYS A 251 -15.73 -3.21 10.01
CA LYS A 251 -17.00 -3.15 10.72
C LYS A 251 -18.18 -3.55 9.85
N SER A 252 -18.06 -3.28 8.56
CA SER A 252 -19.13 -3.57 7.61
C SER A 252 -18.64 -4.46 6.47
N ARG A 253 -19.54 -5.27 5.94
CA ARG A 253 -19.21 -6.17 4.84
C ARG A 253 -18.98 -5.45 3.51
N TYR A 254 -19.75 -4.40 3.26
CA TYR A 254 -19.65 -3.68 1.99
C TYR A 254 -18.89 -2.36 1.98
N THR A 255 -18.57 -1.81 3.15
CA THR A 255 -17.83 -0.56 3.18
C THR A 255 -16.58 -0.72 4.04
N GLY A 256 -15.65 0.21 3.89
CA GLY A 256 -14.43 0.17 4.66
C GLY A 256 -14.52 1.06 5.89
N VAL A 257 -15.74 1.39 6.30
CA VAL A 257 -15.93 2.25 7.47
C VAL A 257 -15.15 1.69 8.66
N TYR A 258 -14.69 2.59 9.53
CA TYR A 258 -13.91 2.18 10.69
C TYR A 258 -14.12 3.12 11.87
N THR A 259 -13.64 2.68 13.03
CA THR A 259 -13.73 3.46 14.27
C THR A 259 -12.41 4.23 14.39
N ASP A 260 -12.50 5.53 14.62
CA ASP A 260 -11.30 6.35 14.74
C ASP A 260 -10.45 5.90 15.92
N THR A 261 -9.14 6.12 15.82
CA THR A 261 -8.23 5.73 16.89
C THR A 261 -7.10 6.73 17.02
N THR A 262 -6.50 6.81 18.21
CA THR A 262 -5.40 7.73 18.44
C THR A 262 -4.05 7.01 18.47
N LYS A 263 -4.07 5.71 18.25
CA LYS A 263 -2.83 4.95 18.24
C LYS A 263 -3.02 3.60 17.56
N PHE A 264 -1.93 3.06 17.03
CA PHE A 264 -1.99 1.75 16.41
C PHE A 264 -1.32 0.76 17.36
N CYS A 265 -0.07 1.01 17.72
CA CYS A 265 0.62 0.12 18.66
C CYS A 265 0.35 0.57 20.09
N ALA A 266 0.57 -0.32 21.05
CA ALA A 266 0.36 -0.01 22.46
C ALA A 266 1.44 0.95 22.97
N ASN A 267 1.12 1.69 24.02
CA ASN A 267 2.07 2.63 24.59
C ASN A 267 3.12 1.99 25.48
N ARG A 268 4.23 2.70 25.66
CA ARG A 268 5.31 2.27 26.54
C ARG A 268 5.55 3.45 27.48
N ALA A 269 6.30 3.21 28.55
CA ALA A 269 6.58 4.26 29.53
C ALA A 269 7.27 5.49 28.94
N ARG A 270 8.34 5.29 28.19
CA ARG A 270 9.06 6.42 27.62
C ARG A 270 9.77 6.07 26.33
N ILE A 271 9.96 7.09 25.48
CA ILE A 271 10.58 6.91 24.18
C ILE A 271 12.05 6.49 24.27
N THR A 272 12.67 6.69 25.44
CA THR A 272 14.07 6.35 25.63
C THR A 272 14.33 4.96 26.21
N THR A 273 13.28 4.18 26.43
CA THR A 273 13.44 2.83 26.96
C THR A 273 12.77 1.86 25.99
N ALA A 274 13.60 1.06 25.32
CA ALA A 274 13.13 0.09 24.35
C ALA A 274 12.41 -1.09 24.99
N SER B 1 25.94 20.27 -14.88
CA SER B 1 26.70 19.86 -13.67
C SER B 1 25.87 18.95 -12.77
N ALA B 2 24.57 19.19 -12.74
CA ALA B 2 23.65 18.40 -11.94
C ALA B 2 23.67 16.93 -12.36
N GLU B 3 23.56 16.69 -13.67
CA GLU B 3 23.56 15.33 -14.19
C GLU B 3 24.97 14.74 -14.14
N ALA B 4 25.97 15.61 -14.09
CA ALA B 4 27.36 15.17 -14.03
C ALA B 4 27.76 14.75 -12.63
N CYS B 5 27.42 15.58 -11.64
CA CYS B 5 27.75 15.30 -10.25
C CYS B 5 26.76 14.33 -9.61
N GLY B 6 25.68 14.03 -10.31
CA GLY B 6 24.68 13.10 -9.81
C GLY B 6 23.76 13.61 -8.71
N TYR B 7 23.38 14.88 -8.78
CA TYR B 7 22.48 15.47 -7.79
C TYR B 7 21.31 16.14 -8.48
N SER B 8 20.32 16.57 -7.71
CA SER B 8 19.15 17.25 -8.26
C SER B 8 19.19 18.73 -7.91
N ASP B 9 19.09 19.58 -8.92
CA ASP B 9 19.10 21.02 -8.71
C ASP B 9 17.82 21.48 -8.03
N ARG B 10 17.94 22.40 -7.09
CA ARG B 10 16.81 22.91 -6.33
C ARG B 10 15.86 23.85 -7.09
N VAL B 11 16.25 24.27 -8.30
CA VAL B 11 15.39 25.15 -9.08
C VAL B 11 14.67 24.32 -10.13
N ALA B 12 13.47 24.75 -10.50
CA ALA B 12 12.71 24.03 -11.51
C ALA B 12 11.73 24.94 -12.23
N GLN B 13 11.43 24.58 -13.47
CA GLN B 13 10.47 25.31 -14.27
C GLN B 13 9.57 24.29 -14.94
N LEU B 14 8.27 24.50 -14.81
CA LEU B 14 7.29 23.60 -15.39
C LEU B 14 6.50 24.44 -16.39
N THR B 15 6.59 24.10 -17.67
CA THR B 15 5.87 24.85 -18.69
C THR B 15 4.93 23.95 -19.49
N LEU B 16 3.64 24.27 -19.43
CA LEU B 16 2.60 23.53 -20.14
C LEU B 16 1.60 24.53 -20.70
N GLY B 17 1.33 24.45 -22.00
CA GLY B 17 0.40 25.37 -22.60
C GLY B 17 0.86 26.80 -22.45
N ASN B 18 -0.03 27.67 -21.97
CA ASN B 18 0.30 29.08 -21.78
C ASN B 18 0.71 29.38 -20.34
N SER B 19 1.10 28.34 -19.60
CA SER B 19 1.46 28.52 -18.20
C SER B 19 2.85 28.03 -17.83
N THR B 20 3.53 28.80 -17.00
CA THR B 20 4.88 28.44 -16.54
C THR B 20 4.96 28.61 -15.03
N ILE B 21 5.43 27.57 -14.37
CA ILE B 21 5.56 27.57 -12.92
C ILE B 21 7.04 27.46 -12.57
N THR B 22 7.51 28.27 -11.63
CA THR B 22 8.90 28.17 -11.22
C THR B 22 9.00 28.06 -9.70
N THR B 23 10.10 27.49 -9.25
CA THR B 23 10.38 27.35 -7.82
C THR B 23 11.89 27.37 -7.69
N GLN B 24 12.39 27.93 -6.60
CA GLN B 24 13.83 27.96 -6.38
C GLN B 24 14.20 27.08 -5.20
N GLU B 25 13.21 26.37 -4.67
CA GLU B 25 13.45 25.46 -3.55
C GLU B 25 12.62 24.19 -3.71
N ALA B 26 12.98 23.40 -4.72
CA ALA B 26 12.32 22.15 -5.00
C ALA B 26 13.15 21.02 -4.39
N ALA B 27 12.61 19.81 -4.43
CA ALA B 27 13.30 18.63 -3.92
C ALA B 27 13.12 17.55 -4.99
N ASN B 28 13.68 17.81 -6.17
CA ASN B 28 13.57 16.89 -7.30
C ASN B 28 12.12 16.88 -7.76
N ILE B 29 11.78 15.99 -8.67
CA ILE B 29 10.42 15.87 -9.17
C ILE B 29 10.05 14.40 -9.17
N VAL B 30 8.88 14.07 -8.64
CA VAL B 30 8.44 12.70 -8.59
C VAL B 30 7.59 12.38 -9.82
N VAL B 31 7.82 11.21 -10.41
CA VAL B 31 7.02 10.77 -11.55
C VAL B 31 6.41 9.47 -11.04
N GLY B 32 5.13 9.53 -10.72
CA GLY B 32 4.40 8.38 -10.18
C GLY B 32 4.65 7.05 -10.85
N TYR B 33 5.10 6.08 -10.06
CA TYR B 33 5.38 4.73 -10.55
C TYR B 33 6.37 4.74 -11.72
N GLY B 34 7.17 5.80 -11.78
CA GLY B 34 8.17 5.94 -12.82
C GLY B 34 7.56 6.03 -14.22
N ARG B 35 6.29 6.39 -14.29
CA ARG B 35 5.60 6.46 -15.57
C ARG B 35 5.03 7.83 -15.94
N TRP B 36 5.44 8.36 -17.09
CA TRP B 36 4.90 9.63 -17.55
C TRP B 36 3.55 9.33 -18.20
N PRO B 37 2.65 10.32 -18.28
CA PRO B 37 1.34 10.10 -18.90
C PRO B 37 1.49 9.63 -20.34
N THR B 38 0.63 8.72 -20.77
CA THR B 38 0.69 8.20 -22.14
C THR B 38 -0.71 8.09 -22.74
N SER B 39 -0.77 8.13 -24.06
CA SER B 39 -2.04 8.02 -24.78
C SER B 39 -2.54 6.59 -24.73
N LEU B 40 -3.83 6.41 -24.94
CA LEU B 40 -4.44 5.09 -24.92
C LEU B 40 -4.05 4.31 -26.18
N ARG B 41 -3.47 3.12 -26.00
CA ARG B 41 -3.04 2.28 -27.11
C ARG B 41 -4.22 1.66 -27.84
N ASP B 42 -4.08 1.44 -29.14
CA ASP B 42 -5.14 0.84 -29.95
C ASP B 42 -5.50 -0.55 -29.44
N THR B 43 -4.55 -1.23 -28.80
CA THR B 43 -4.76 -2.57 -28.28
C THR B 43 -5.40 -2.59 -26.89
N ASP B 44 -5.52 -1.42 -26.26
CA ASP B 44 -6.14 -1.34 -24.93
C ASP B 44 -7.50 -0.66 -25.02
N ALA B 45 -7.70 0.13 -26.06
CA ALA B 45 -8.94 0.87 -26.25
C ALA B 45 -10.15 -0.01 -26.51
N THR B 46 -11.33 0.50 -26.15
CA THR B 46 -12.56 -0.22 -26.41
C THR B 46 -13.59 0.71 -27.05
N ALA B 47 -13.70 1.96 -26.58
CA ALA B 47 -14.64 2.91 -27.18
C ALA B 47 -14.16 3.19 -28.60
N VAL B 48 -15.05 3.00 -29.58
CA VAL B 48 -14.69 3.14 -30.98
C VAL B 48 -14.70 4.51 -31.65
N ASP B 49 -15.29 5.51 -31.01
CA ASP B 49 -15.33 6.82 -31.62
C ASP B 49 -13.96 7.51 -31.57
N LYS B 50 -13.69 8.35 -32.57
CA LYS B 50 -12.42 9.08 -32.61
C LYS B 50 -12.44 10.02 -31.41
N PRO B 51 -11.39 9.97 -30.57
CA PRO B 51 -11.36 10.84 -29.40
C PRO B 51 -11.05 12.30 -29.66
N THR B 52 -11.38 13.12 -28.67
CA THR B 52 -11.08 14.54 -28.73
C THR B 52 -9.82 14.67 -27.88
N GLN B 53 -8.84 15.39 -28.39
CA GLN B 53 -7.59 15.65 -27.68
C GLN B 53 -7.44 17.16 -27.77
N PRO B 54 -7.92 17.87 -26.74
CA PRO B 54 -7.91 19.33 -26.64
C PRO B 54 -6.56 20.04 -26.64
N GLY B 55 -5.49 19.30 -26.36
CA GLY B 55 -4.18 19.92 -26.36
C GLY B 55 -4.00 21.00 -25.30
N VAL B 56 -3.32 22.08 -25.70
CA VAL B 56 -3.02 23.18 -24.78
C VAL B 56 -4.22 23.86 -24.10
N SER B 57 -5.40 23.76 -24.69
CA SER B 57 -6.57 24.39 -24.09
C SER B 57 -6.91 23.78 -22.73
N ALA B 58 -6.54 22.52 -22.53
CA ALA B 58 -6.82 21.84 -21.27
C ALA B 58 -5.56 21.39 -20.53
N GLU B 59 -4.47 21.20 -21.26
CA GLU B 59 -3.22 20.75 -20.66
C GLU B 59 -2.36 21.97 -20.32
N ARG B 60 -2.68 22.53 -19.17
CA ARG B 60 -2.04 23.75 -18.66
C ARG B 60 -2.29 23.79 -17.16
N PHE B 61 -1.59 24.68 -16.46
CA PHE B 61 -1.75 24.77 -15.01
C PHE B 61 -2.93 25.61 -14.53
N TYR B 62 -3.73 25.01 -13.64
CA TYR B 62 -4.88 25.67 -13.03
C TYR B 62 -4.58 25.83 -11.54
N THR B 63 -4.62 27.06 -11.04
CA THR B 63 -4.36 27.29 -9.62
C THR B 63 -5.67 27.35 -8.86
N LEU B 64 -5.77 26.54 -7.81
CA LEU B 64 -6.98 26.47 -6.98
C LEU B 64 -6.91 27.47 -5.82
N PRO B 65 -8.05 27.71 -5.15
CA PRO B 65 -8.05 28.65 -4.02
C PRO B 65 -7.09 28.16 -2.94
N SER B 66 -6.32 29.07 -2.37
CA SER B 66 -5.35 28.71 -1.35
C SER B 66 -6.01 28.29 -0.04
N VAL B 67 -5.26 27.53 0.76
CA VAL B 67 -5.73 27.04 2.05
C VAL B 67 -4.75 27.53 3.11
N GLN B 68 -5.25 27.98 4.26
CA GLN B 68 -4.37 28.48 5.31
C GLN B 68 -3.84 27.38 6.23
N TRP B 69 -2.55 27.44 6.54
CA TRP B 69 -1.95 26.47 7.46
C TRP B 69 -2.21 27.02 8.86
N THR B 70 -3.41 26.76 9.37
CA THR B 70 -3.82 27.24 10.69
C THR B 70 -3.18 26.44 11.82
N ASN B 71 -3.32 26.94 13.05
CA ASN B 71 -2.76 26.27 14.21
C ASN B 71 -3.35 24.88 14.42
N SER B 72 -4.63 24.73 14.10
CA SER B 72 -5.31 23.45 14.26
C SER B 72 -5.41 22.66 12.96
N PHE B 73 -4.68 23.11 11.94
CA PHE B 73 -4.69 22.46 10.63
C PHE B 73 -4.43 20.95 10.71
N LYS B 74 -5.33 20.17 10.15
CA LYS B 74 -5.18 18.71 10.14
C LYS B 74 -4.77 18.21 8.76
N GLY B 75 -4.94 19.06 7.76
CA GLY B 75 -4.60 18.69 6.40
C GLY B 75 -5.74 19.04 5.47
N HIS B 76 -5.50 18.92 4.17
CA HIS B 76 -6.53 19.26 3.17
C HIS B 76 -6.37 18.30 2.01
N TYR B 77 -7.45 18.02 1.28
CA TYR B 77 -7.35 17.14 0.12
C TYR B 77 -8.26 17.59 -1.02
N TRP B 78 -7.89 17.18 -2.22
CA TRP B 78 -8.63 17.50 -3.44
C TRP B 78 -8.74 16.23 -4.27
N LYS B 79 -9.90 15.98 -4.85
CA LYS B 79 -10.09 14.81 -5.69
C LYS B 79 -9.83 15.21 -7.14
N LEU B 80 -9.29 14.29 -7.92
CA LEU B 80 -9.02 14.54 -9.34
C LEU B 80 -9.74 13.46 -10.14
N PRO B 81 -10.41 13.85 -11.23
CA PRO B 81 -10.57 15.20 -11.80
C PRO B 81 -11.60 16.15 -11.16
N ASP B 82 -12.30 15.70 -10.12
CA ASP B 82 -13.31 16.55 -9.48
C ASP B 82 -12.94 18.02 -9.27
N ALA B 83 -11.76 18.27 -8.69
CA ALA B 83 -11.32 19.63 -8.41
C ALA B 83 -11.30 20.58 -9.60
N LEU B 84 -11.06 20.06 -10.79
CA LEU B 84 -11.00 20.90 -11.99
C LEU B 84 -12.20 20.72 -12.92
N SER B 85 -13.22 20.01 -12.45
CA SER B 85 -14.40 19.74 -13.29
C SER B 85 -15.15 20.99 -13.77
N GLU B 86 -14.91 22.13 -13.13
CA GLU B 86 -15.58 23.35 -13.56
C GLU B 86 -14.60 24.48 -13.86
N LEU B 87 -13.37 24.09 -14.22
CA LEU B 87 -12.33 25.06 -14.54
C LEU B 87 -11.85 24.98 -15.99
N GLY B 88 -11.94 26.10 -16.69
CA GLY B 88 -11.47 26.18 -18.06
C GLY B 88 -12.03 25.16 -19.03
N LEU B 89 -11.30 24.94 -20.12
CA LEU B 89 -11.72 23.98 -21.13
C LEU B 89 -11.51 22.54 -20.68
N PHE B 90 -10.68 22.33 -19.65
CA PHE B 90 -10.52 20.97 -19.17
C PHE B 90 -11.88 20.57 -18.59
N GLY B 91 -12.43 21.45 -17.78
CA GLY B 91 -13.73 21.19 -17.16
C GLY B 91 -14.82 21.01 -18.21
N GLN B 92 -14.81 21.85 -19.24
CA GLN B 92 -15.83 21.74 -20.28
C GLN B 92 -15.72 20.40 -21.02
N ASN B 93 -14.51 20.01 -21.39
CA ASN B 93 -14.34 18.74 -22.08
C ASN B 93 -14.76 17.58 -21.18
N LEU B 94 -14.49 17.69 -19.89
CA LEU B 94 -14.87 16.66 -18.94
C LEU B 94 -16.39 16.53 -18.85
N GLN B 95 -17.07 17.66 -18.87
CA GLN B 95 -18.53 17.69 -18.77
C GLN B 95 -19.25 17.23 -20.04
N PHE B 96 -18.72 17.62 -21.19
CA PHE B 96 -19.34 17.27 -22.47
C PHE B 96 -19.10 15.84 -22.93
N HIS B 97 -18.20 15.12 -22.26
CA HIS B 97 -17.92 13.75 -22.66
C HIS B 97 -18.22 12.74 -21.56
N TYR B 98 -18.67 11.57 -21.97
CA TYR B 98 -18.94 10.48 -21.04
C TYR B 98 -17.60 9.96 -20.52
N LEU B 99 -16.64 9.80 -21.43
CA LEU B 99 -15.33 9.26 -21.06
C LEU B 99 -14.16 10.24 -21.07
N TYR B 100 -13.25 10.04 -20.14
CA TYR B 100 -12.06 10.86 -20.01
C TYR B 100 -10.88 10.01 -19.54
N ARG B 101 -9.69 10.40 -19.98
CA ARG B 101 -8.46 9.73 -19.61
C ARG B 101 -7.39 10.82 -19.58
N GLY B 102 -6.50 10.79 -18.60
CA GLY B 102 -5.47 11.79 -18.55
C GLY B 102 -4.54 11.67 -17.34
N GLY B 103 -3.39 12.33 -17.45
CA GLY B 103 -2.42 12.33 -16.37
C GLY B 103 -2.41 13.70 -15.72
N TRP B 104 -1.46 13.95 -14.84
CA TRP B 104 -1.39 15.24 -14.14
C TRP B 104 0.02 15.66 -13.79
N VAL B 105 0.18 16.97 -13.58
CA VAL B 105 1.41 17.53 -13.09
C VAL B 105 0.90 18.38 -11.94
N ILE B 106 1.31 18.02 -10.73
CA ILE B 106 0.87 18.73 -9.53
C ILE B 106 2.01 19.51 -8.90
N HIS B 107 1.75 20.75 -8.53
CA HIS B 107 2.75 21.59 -7.89
C HIS B 107 2.14 22.21 -6.64
N VAL B 108 2.62 21.76 -5.48
CA VAL B 108 2.11 22.28 -4.21
C VAL B 108 3.10 23.33 -3.69
N GLN B 109 2.56 24.47 -3.28
CA GLN B 109 3.40 25.58 -2.84
C GLN B 109 3.14 26.04 -1.40
N CYS B 110 4.23 26.22 -0.66
CA CYS B 110 4.13 26.70 0.72
C CYS B 110 5.47 27.23 1.17
N ASN B 111 5.60 28.55 1.18
CA ASN B 111 6.83 29.19 1.62
C ASN B 111 6.61 29.83 2.98
N ALA B 112 7.67 29.88 3.77
CA ALA B 112 7.62 30.51 5.08
C ALA B 112 8.93 31.29 5.16
N THR B 113 9.75 31.02 6.17
CA THR B 113 11.04 31.69 6.28
C THR B 113 11.99 30.74 6.98
N LYS B 114 13.25 31.14 7.06
CA LYS B 114 14.26 30.34 7.73
C LYS B 114 14.06 30.40 9.24
N PHE B 115 13.02 31.14 9.65
CA PHE B 115 12.67 31.29 11.07
C PHE B 115 11.43 30.46 11.41
N HIS B 116 10.94 29.69 10.44
CA HIS B 116 9.77 28.83 10.63
C HIS B 116 10.18 27.37 10.52
N GLN B 117 9.39 26.48 11.12
CA GLN B 117 9.63 25.05 11.03
C GLN B 117 8.28 24.38 10.87
N GLY B 118 8.25 23.29 10.11
CA GLY B 118 7.01 22.58 9.88
C GLY B 118 7.22 21.64 8.72
N THR B 119 6.40 20.59 8.63
CA THR B 119 6.56 19.62 7.56
C THR B 119 5.22 19.10 7.06
N LEU B 120 5.02 19.21 5.76
CA LEU B 120 3.80 18.74 5.11
C LEU B 120 4.08 17.53 4.25
N LEU B 121 3.22 16.52 4.35
CA LEU B 121 3.36 15.36 3.49
C LEU B 121 2.47 15.73 2.29
N VAL B 122 3.01 15.62 1.09
CA VAL B 122 2.25 15.91 -0.12
C VAL B 122 2.17 14.59 -0.85
N VAL B 123 1.00 13.96 -0.83
CA VAL B 123 0.83 12.66 -1.45
C VAL B 123 -0.32 12.55 -2.42
N ALA B 124 -0.09 11.84 -3.52
CA ALA B 124 -1.11 11.62 -4.55
C ALA B 124 -1.48 10.14 -4.40
N THR B 125 -2.71 9.90 -3.94
CA THR B 125 -3.19 8.55 -3.69
C THR B 125 -4.20 8.04 -4.69
N PRO B 126 -3.92 6.90 -5.34
CA PRO B 126 -4.88 6.37 -6.31
C PRO B 126 -6.08 5.79 -5.55
N GLU B 127 -7.28 6.00 -6.07
CA GLU B 127 -8.50 5.45 -5.45
C GLU B 127 -8.58 5.71 -3.95
N HIS B 128 -8.39 6.95 -3.54
CA HIS B 128 -8.43 7.29 -2.12
C HIS B 128 -9.87 7.48 -1.64
N LYS B 129 -10.36 6.53 -0.84
CA LYS B 129 -11.72 6.61 -0.33
C LYS B 129 -11.84 7.38 0.98
N ILE B 130 -12.83 8.24 1.06
CA ILE B 130 -13.10 9.01 2.28
C ILE B 130 -14.21 8.19 2.91
N GLN B 131 -13.82 7.20 3.71
CA GLN B 131 -14.78 6.28 4.32
C GLN B 131 -14.81 6.21 5.83
N SER B 132 -14.58 7.33 6.50
CA SER B 132 -14.60 7.36 7.95
C SER B 132 -16.03 7.42 8.49
N ALA B 133 -16.98 7.73 7.61
CA ALA B 133 -18.39 7.82 8.01
C ALA B 133 -19.19 6.65 7.46
N GLU B 134 -20.21 6.23 8.21
CA GLU B 134 -21.06 5.12 7.79
C GLU B 134 -21.62 5.39 6.39
N SER B 135 -22.01 6.63 6.16
CA SER B 135 -22.56 7.06 4.88
C SER B 135 -21.84 8.34 4.47
N PRO B 136 -20.73 8.22 3.72
CA PRO B 136 -19.95 9.38 3.27
C PRO B 136 -20.79 10.47 2.61
N ALA B 137 -20.51 11.72 2.99
CA ALA B 137 -21.23 12.85 2.44
C ALA B 137 -20.61 13.26 1.11
N PHE B 138 -21.45 13.58 0.13
CA PHE B 138 -20.98 13.99 -1.18
C PHE B 138 -20.07 15.21 -1.07
N ALA B 139 -20.34 16.07 -0.10
CA ALA B 139 -19.52 17.27 0.10
C ALA B 139 -18.08 16.90 0.44
N ARG B 140 -17.87 15.72 1.02
CA ARG B 140 -16.52 15.30 1.39
C ARG B 140 -15.88 14.37 0.36
N THR B 141 -16.68 13.61 -0.39
CA THR B 141 -16.11 12.71 -1.39
C THR B 141 -15.75 13.51 -2.65
N ASN B 142 -16.50 14.58 -2.90
CA ASN B 142 -16.29 15.45 -4.06
C ASN B 142 -16.38 16.91 -3.62
N PRO B 143 -15.35 17.40 -2.93
CA PRO B 143 -15.31 18.78 -2.43
C PRO B 143 -15.09 19.88 -3.46
N GLY B 144 -14.85 19.51 -4.72
CA GLY B 144 -14.65 20.52 -5.74
C GLY B 144 -13.32 21.24 -5.66
N GLU B 145 -13.24 22.39 -6.31
CA GLU B 145 -12.00 23.16 -6.33
C GLU B 145 -11.53 23.68 -4.98
N GLN B 146 -12.45 23.83 -4.03
CA GLN B 146 -12.08 24.31 -2.70
C GLN B 146 -11.38 23.22 -1.89
N GLY B 147 -11.63 21.96 -2.26
CA GLY B 147 -11.04 20.86 -1.53
C GLY B 147 -11.75 20.71 -0.20
N ALA B 148 -11.33 19.74 0.60
CA ALA B 148 -11.95 19.53 1.91
C ALA B 148 -10.89 19.35 2.98
N ALA B 149 -11.22 19.75 4.20
CA ALA B 149 -10.28 19.62 5.30
C ALA B 149 -10.29 18.18 5.81
N TYR B 150 -9.13 17.72 6.26
CA TYR B 150 -9.03 16.39 6.82
C TYR B 150 -9.67 16.44 8.19
N GLN B 151 -10.30 15.34 8.59
CA GLN B 151 -10.90 15.23 9.92
C GLN B 151 -10.20 14.09 10.65
N PHE B 152 -9.71 13.12 9.88
CA PHE B 152 -9.04 11.95 10.44
C PHE B 152 -7.71 11.68 9.74
N PRO B 153 -6.73 12.59 9.90
CA PRO B 153 -5.42 12.41 9.26
C PRO B 153 -4.62 11.17 9.67
N PHE B 154 -4.64 10.83 10.96
CA PHE B 154 -3.88 9.68 11.45
C PHE B 154 -4.29 8.38 10.77
N THR B 155 -5.58 8.26 10.45
CA THR B 155 -6.09 7.07 9.78
C THR B 155 -6.29 7.30 8.28
N PHE B 156 -5.74 8.41 7.78
CA PHE B 156 -5.80 8.75 6.36
C PHE B 156 -7.22 8.73 5.77
N GLU B 157 -8.21 8.98 6.62
CA GLU B 157 -9.62 9.00 6.21
C GLU B 157 -10.12 7.67 5.65
N ASP B 158 -9.25 6.66 5.61
CA ASP B 158 -9.67 5.37 5.06
C ASP B 158 -9.39 4.13 5.89
N GLY B 159 -8.96 4.32 7.13
CA GLY B 159 -8.70 3.18 8.00
C GLY B 159 -7.32 2.56 7.90
N THR B 160 -6.39 3.27 7.28
CA THR B 160 -5.02 2.80 7.13
C THR B 160 -4.12 3.74 7.93
N ALA B 161 -2.83 3.44 8.01
CA ALA B 161 -1.91 4.28 8.77
C ALA B 161 -1.35 5.42 7.93
N LEU B 162 -1.45 6.65 8.46
CA LEU B 162 -0.93 7.81 7.75
C LEU B 162 0.53 7.59 7.35
N GLY B 163 1.30 7.02 8.27
CA GLY B 163 2.71 6.78 8.02
C GLY B 163 3.03 5.87 6.84
N ASN B 164 2.05 5.10 6.39
CA ASN B 164 2.26 4.20 5.27
C ASN B 164 1.79 4.78 3.94
N ALA B 165 1.31 6.02 3.97
CA ALA B 165 0.85 6.67 2.76
C ALA B 165 2.05 6.90 1.83
N LEU B 166 3.26 6.69 2.36
CA LEU B 166 4.47 6.88 1.57
C LEU B 166 4.60 5.83 0.46
N ILE B 167 3.73 4.82 0.48
CA ILE B 167 3.76 3.80 -0.56
C ILE B 167 3.19 4.39 -1.84
N TYR B 168 2.56 5.55 -1.73
CA TYR B 168 1.98 6.25 -2.89
C TYR B 168 2.94 7.37 -3.30
N PRO B 169 2.88 7.82 -4.57
CA PRO B 169 3.76 8.90 -5.03
C PRO B 169 3.63 10.09 -4.09
N HIS B 170 4.76 10.58 -3.57
CA HIS B 170 4.72 11.69 -2.63
C HIS B 170 6.04 12.41 -2.51
N GLN B 171 5.99 13.54 -1.83
CA GLN B 171 7.15 14.35 -1.51
C GLN B 171 6.78 15.01 -0.21
N TRP B 172 7.72 15.74 0.38
CA TRP B 172 7.43 16.47 1.61
C TRP B 172 7.83 17.90 1.39
N VAL B 173 7.15 18.80 2.07
CA VAL B 173 7.54 20.20 2.04
C VAL B 173 7.99 20.40 3.48
N ASN B 174 9.30 20.35 3.68
CA ASN B 174 9.91 20.54 4.99
C ASN B 174 10.47 21.95 4.87
N LEU B 175 9.84 22.89 5.56
CA LEU B 175 10.21 24.29 5.46
C LEU B 175 11.70 24.66 5.49
N ARG B 176 12.49 23.95 6.27
CA ARG B 176 13.93 24.26 6.31
C ARG B 176 14.63 23.85 5.01
N THR B 177 13.97 22.99 4.24
CA THR B 177 14.56 22.46 3.01
C THR B 177 13.98 22.95 1.69
N ASN B 178 12.65 22.91 1.57
CA ASN B 178 12.01 23.30 0.33
C ASN B 178 10.68 24.01 0.57
N ASN B 179 10.17 24.67 -0.46
CA ASN B 179 8.90 25.38 -0.34
C ASN B 179 7.89 24.88 -1.36
N SER B 180 8.19 23.77 -2.03
CA SER B 180 7.27 23.23 -3.01
C SER B 180 7.52 21.76 -3.27
N ALA B 181 6.48 21.09 -3.79
CA ALA B 181 6.54 19.69 -4.13
C ALA B 181 5.96 19.57 -5.53
N THR B 182 6.53 18.71 -6.36
CA THR B 182 6.06 18.52 -7.72
C THR B 182 5.91 17.04 -8.02
N LEU B 183 4.74 16.66 -8.49
CA LEU B 183 4.45 15.27 -8.82
C LEU B 183 3.83 15.14 -10.20
N VAL B 184 4.40 14.25 -11.02
CA VAL B 184 3.87 13.97 -12.35
C VAL B 184 3.13 12.64 -12.16
N LEU B 185 1.86 12.60 -12.57
CA LEU B 185 1.06 11.39 -12.37
C LEU B 185 0.48 10.83 -13.66
N PRO B 186 0.64 9.52 -13.89
CA PRO B 186 0.09 8.90 -15.09
C PRO B 186 -1.36 8.53 -14.79
N TYR B 187 -2.14 8.23 -15.82
CA TYR B 187 -3.52 7.81 -15.59
C TYR B 187 -3.45 6.42 -14.97
N VAL B 188 -4.24 6.18 -13.94
CA VAL B 188 -4.29 4.86 -13.31
C VAL B 188 -5.75 4.47 -13.14
N ASN B 189 -6.08 3.25 -13.55
CA ASN B 189 -7.44 2.74 -13.44
C ASN B 189 -7.42 1.30 -13.93
N ALA B 190 -8.49 0.56 -13.64
CA ALA B 190 -8.60 -0.83 -14.07
C ALA B 190 -9.29 -0.86 -15.44
N LEU B 191 -9.48 0.33 -16.01
CA LEU B 191 -10.15 0.50 -17.30
C LEU B 191 -9.34 1.46 -18.18
N PRO B 192 -9.54 1.40 -19.51
CA PRO B 192 -8.83 2.28 -20.45
C PRO B 192 -9.20 3.75 -20.27
N MET B 193 -10.48 3.99 -19.98
CA MET B 193 -11.01 5.34 -19.75
C MET B 193 -12.17 5.19 -18.76
N ASP B 194 -12.67 6.30 -18.24
CA ASP B 194 -13.77 6.23 -17.28
C ASP B 194 -14.47 7.58 -17.24
N SER B 195 -15.55 7.66 -16.46
CA SER B 195 -16.31 8.91 -16.34
C SER B 195 -15.66 9.86 -15.35
N GLY B 196 -15.44 11.09 -15.79
CA GLY B 196 -14.84 12.09 -14.92
C GLY B 196 -15.82 12.67 -13.92
N ILE B 197 -17.10 12.30 -14.00
CA ILE B 197 -18.08 12.82 -13.07
C ILE B 197 -18.62 11.76 -12.12
N ARG B 198 -18.03 10.57 -12.16
CA ARG B 198 -18.50 9.49 -11.28
C ARG B 198 -17.34 8.81 -10.55
N HIS B 199 -16.12 9.07 -11.00
CA HIS B 199 -14.95 8.42 -10.43
C HIS B 199 -13.74 9.33 -10.37
N ASN B 200 -13.10 9.40 -9.20
CA ASN B 200 -11.90 10.20 -9.04
C ASN B 200 -10.73 9.24 -8.92
N ASN B 201 -9.85 9.27 -9.92
CA ASN B 201 -8.71 8.36 -9.96
C ASN B 201 -7.63 8.64 -8.94
N TRP B 202 -7.40 9.92 -8.64
CA TRP B 202 -6.39 10.31 -7.68
C TRP B 202 -6.92 11.32 -6.67
N THR B 203 -6.28 11.36 -5.51
CA THR B 203 -6.63 12.31 -4.48
C THR B 203 -5.31 12.93 -4.00
N LEU B 204 -5.24 14.26 -4.05
CA LEU B 204 -4.06 14.97 -3.61
C LEU B 204 -4.28 15.38 -2.16
N SER B 205 -3.38 14.98 -1.28
CA SER B 205 -3.48 15.34 0.13
C SER B 205 -2.25 16.11 0.57
N VAL B 206 -2.46 17.12 1.40
CA VAL B 206 -1.38 17.93 1.95
C VAL B 206 -1.66 17.85 3.43
N ILE B 207 -0.82 17.11 4.15
CA ILE B 207 -1.02 16.87 5.58
C ILE B 207 0.14 17.28 6.45
N PRO B 208 -0.13 18.13 7.46
CA PRO B 208 0.95 18.56 8.35
C PRO B 208 1.28 17.43 9.33
N ILE B 209 2.53 16.96 9.31
CA ILE B 209 2.93 15.91 10.24
C ILE B 209 3.77 16.53 11.34
N VAL B 210 4.41 17.65 11.01
CA VAL B 210 5.18 18.40 12.00
C VAL B 210 4.52 19.77 11.95
N PRO B 211 3.84 20.17 13.05
CA PRO B 211 3.14 21.45 13.13
C PRO B 211 3.99 22.69 12.82
N LEU B 212 3.32 23.71 12.28
CA LEU B 212 3.98 24.96 11.95
C LEU B 212 4.30 25.73 13.21
N GLU B 213 5.59 26.04 13.39
CA GLU B 213 6.05 26.82 14.54
C GLU B 213 7.04 27.84 14.00
N TYR B 214 7.31 28.87 14.78
CA TYR B 214 8.21 29.92 14.31
C TYR B 214 8.71 30.81 15.43
N ALA B 215 9.77 31.55 15.14
CA ALA B 215 10.33 32.48 16.10
C ALA B 215 9.21 33.45 16.44
N ALA B 216 9.09 33.81 17.71
CA ALA B 216 8.04 34.71 18.15
C ALA B 216 8.01 36.02 17.36
N GLY B 217 6.83 36.37 16.85
CA GLY B 217 6.70 37.61 16.09
C GLY B 217 6.77 37.48 14.58
N ALA B 218 7.11 36.29 14.09
CA ALA B 218 7.21 36.08 12.65
C ALA B 218 5.81 36.04 12.03
N THR B 219 5.74 36.15 10.71
CA THR B 219 4.46 36.11 10.02
C THR B 219 3.75 34.81 10.41
N THR B 220 2.49 34.93 10.82
CA THR B 220 1.72 33.76 11.26
C THR B 220 0.80 33.22 10.17
N TYR B 221 0.52 34.04 9.16
CA TYR B 221 -0.39 33.68 8.07
C TYR B 221 0.38 33.02 6.92
N VAL B 222 0.35 31.69 6.90
CA VAL B 222 1.08 30.91 5.89
C VAL B 222 0.14 30.06 5.03
N PRO B 223 -0.10 30.48 3.79
CA PRO B 223 -0.98 29.73 2.89
C PRO B 223 -0.29 28.55 2.21
N ILE B 224 -1.12 27.65 1.71
CA ILE B 224 -0.68 26.48 0.96
C ILE B 224 -1.46 26.61 -0.33
N THR B 225 -0.77 26.54 -1.47
CA THR B 225 -1.45 26.68 -2.75
C THR B 225 -1.16 25.49 -3.65
N VAL B 226 -2.20 25.06 -4.35
CA VAL B 226 -2.10 23.92 -5.25
C VAL B 226 -2.36 24.36 -6.68
N THR B 227 -1.46 23.97 -7.58
CA THR B 227 -1.57 24.29 -8.99
C THR B 227 -1.46 22.96 -9.71
N ILE B 228 -2.48 22.64 -10.50
CA ILE B 228 -2.55 21.36 -11.18
C ILE B 228 -2.79 21.47 -12.68
N ALA B 229 -2.06 20.66 -13.44
CA ALA B 229 -2.22 20.66 -14.88
C ALA B 229 -2.56 19.30 -15.44
N PRO B 230 -3.65 19.21 -16.22
CA PRO B 230 -4.02 17.92 -16.81
C PRO B 230 -2.90 17.69 -17.84
N MET B 231 -2.59 16.43 -18.14
CA MET B 231 -1.54 16.17 -19.12
C MET B 231 -1.89 14.92 -19.93
N CYS B 232 -1.70 15.00 -21.25
CA CYS B 232 -1.98 13.88 -22.15
C CYS B 232 -3.41 13.38 -21.95
N THR B 233 -4.38 14.25 -22.23
CA THR B 233 -5.78 13.91 -22.05
C THR B 233 -6.51 13.56 -23.35
N GLU B 234 -7.55 12.77 -23.22
CA GLU B 234 -8.37 12.41 -24.37
C GLU B 234 -9.77 12.12 -23.86
N TYR B 235 -10.77 12.39 -24.69
CA TYR B 235 -12.16 12.21 -24.31
C TYR B 235 -12.96 11.50 -25.40
N ASN B 236 -13.94 10.71 -24.97
CA ASN B 236 -14.81 9.97 -25.89
C ASN B 236 -16.25 10.06 -25.40
N GLY B 237 -17.20 9.77 -26.30
CA GLY B 237 -18.60 9.80 -25.93
C GLY B 237 -19.17 11.19 -25.75
N LEU B 238 -19.07 11.99 -26.80
CA LEU B 238 -19.56 13.36 -26.79
C LEU B 238 -21.08 13.45 -26.73
N ARG B 239 -21.58 14.42 -25.98
CA ARG B 239 -23.00 14.68 -25.83
C ARG B 239 -23.15 16.05 -25.18
N ALA B 240 -24.30 16.34 -24.59
CA ALA B 240 -24.51 17.61 -23.91
C ALA B 240 -23.69 17.58 -22.62
N ALA B 241 -23.49 18.75 -22.02
CA ALA B 241 -22.72 18.83 -20.78
C ALA B 241 -23.47 18.19 -19.61
N VAL B 242 -22.76 17.39 -18.82
CA VAL B 242 -23.35 16.73 -17.66
C VAL B 242 -22.35 16.78 -16.50
N THR B 243 -22.81 17.22 -15.34
CA THR B 243 -21.97 17.28 -14.15
C THR B 243 -22.55 16.28 -13.14
N GLN B 244 -21.76 15.87 -12.16
CA GLN B 244 -22.25 14.91 -11.17
C GLN B 244 -23.39 15.48 -10.34
N GLY C 1 -9.31 -50.71 -17.35
CA GLY C 1 -8.74 -49.58 -16.57
C GLY C 1 -7.33 -49.85 -16.11
N ILE C 2 -6.53 -48.78 -16.02
CA ILE C 2 -5.15 -48.90 -15.56
C ILE C 2 -5.19 -49.17 -14.06
N PRO C 3 -4.46 -50.21 -13.61
CA PRO C 3 -4.45 -50.49 -12.17
C PRO C 3 -3.83 -49.33 -11.40
N THR C 4 -4.47 -48.93 -10.31
CA THR C 4 -3.97 -47.84 -9.49
C THR C 4 -4.12 -48.19 -8.02
N LEU C 5 -3.39 -47.46 -7.18
CA LEU C 5 -3.45 -47.66 -5.74
C LEU C 5 -3.51 -46.27 -5.13
N TYR C 6 -4.65 -45.88 -4.57
CA TYR C 6 -4.71 -44.54 -4.01
C TYR C 6 -4.06 -44.52 -2.62
N THR C 7 -3.45 -43.39 -2.31
CA THR C 7 -2.66 -43.22 -1.10
C THR C 7 -3.16 -42.27 -0.03
N PRO C 8 -2.48 -42.24 1.13
CA PRO C 8 -2.87 -41.34 2.22
C PRO C 8 -2.83 -39.92 1.65
N GLY C 9 -3.75 -39.08 2.11
CA GLY C 9 -3.82 -37.72 1.61
C GLY C 9 -4.98 -37.62 0.63
N SER C 10 -5.41 -38.76 0.09
CA SER C 10 -6.51 -38.76 -0.87
C SER C 10 -7.77 -38.14 -0.28
N GLY C 11 -8.37 -37.23 -1.04
CA GLY C 11 -9.59 -36.57 -0.61
C GLY C 11 -9.39 -35.37 0.31
N GLN C 12 -8.18 -35.21 0.83
CA GLN C 12 -7.92 -34.09 1.72
C GLN C 12 -7.92 -32.75 1.00
N PHE C 13 -8.17 -31.70 1.76
CA PHE C 13 -8.18 -30.34 1.24
C PHE C 13 -7.10 -29.55 1.95
N LEU C 14 -5.91 -29.51 1.34
CA LEU C 14 -4.77 -28.76 1.88
C LEU C 14 -4.93 -27.38 1.25
N THR C 15 -5.07 -26.34 2.07
CA THR C 15 -5.27 -25.00 1.54
C THR C 15 -4.16 -24.49 0.64
N THR C 16 -2.96 -25.03 0.80
CA THR C 16 -1.83 -24.63 -0.01
C THR C 16 -1.57 -25.60 -1.16
N ASP C 17 -2.51 -26.51 -1.42
CA ASP C 17 -2.30 -27.47 -2.50
C ASP C 17 -2.27 -26.74 -3.83
N ASP C 18 -1.80 -27.42 -4.87
CA ASP C 18 -1.68 -26.79 -6.17
C ASP C 18 -1.95 -27.76 -7.31
N PHE C 19 -3.23 -28.05 -7.52
CA PHE C 19 -3.65 -28.96 -8.58
C PHE C 19 -4.40 -28.23 -9.68
N GLN C 20 -4.57 -28.91 -10.80
CA GLN C 20 -5.33 -28.37 -11.93
C GLN C 20 -6.75 -28.86 -11.67
N THR C 21 -7.75 -28.05 -12.02
CA THR C 21 -9.14 -28.46 -11.80
C THR C 21 -10.02 -27.96 -12.93
N PRO C 22 -11.16 -28.64 -13.17
CA PRO C 22 -12.06 -28.21 -14.23
C PRO C 22 -12.53 -26.77 -14.02
N CYS C 23 -12.66 -26.04 -15.12
CA CYS C 23 -13.10 -24.65 -15.05
C CYS C 23 -14.61 -24.57 -15.22
N MET C 24 -15.23 -23.68 -14.46
CA MET C 24 -16.67 -23.50 -14.53
C MET C 24 -17.09 -23.00 -15.91
N LEU C 25 -16.22 -22.21 -16.55
CA LEU C 25 -16.47 -21.64 -17.87
C LEU C 25 -15.28 -21.98 -18.77
N PRO C 26 -15.22 -23.22 -19.26
CA PRO C 26 -14.12 -23.69 -20.12
C PRO C 26 -13.79 -22.89 -21.37
N LYS C 27 -14.77 -22.20 -21.95
CA LYS C 27 -14.50 -21.44 -23.16
C LYS C 27 -14.45 -19.93 -22.97
N PHE C 28 -14.51 -19.50 -21.71
CA PHE C 28 -14.47 -18.07 -21.38
C PHE C 28 -13.17 -17.41 -21.83
N GLN C 29 -13.30 -16.21 -22.38
CA GLN C 29 -12.16 -15.43 -22.86
C GLN C 29 -12.15 -14.08 -22.14
N PRO C 30 -11.21 -13.91 -21.20
CA PRO C 30 -11.09 -12.69 -20.42
C PRO C 30 -10.76 -11.42 -21.19
N THR C 31 -11.01 -10.28 -20.55
CA THR C 31 -10.72 -9.00 -21.16
C THR C 31 -9.21 -8.91 -21.33
N PRO C 32 -8.74 -8.11 -22.28
CA PRO C 32 -7.29 -8.01 -22.45
C PRO C 32 -6.59 -7.34 -21.28
N VAL C 33 -5.31 -7.66 -21.12
CA VAL C 33 -4.51 -7.03 -20.08
C VAL C 33 -4.12 -5.69 -20.67
N ILE C 34 -4.43 -4.59 -19.99
CA ILE C 34 -4.07 -3.29 -20.52
C ILE C 34 -2.89 -2.73 -19.76
N ASP C 35 -2.34 -1.65 -20.29
CA ASP C 35 -1.20 -1.00 -19.67
C ASP C 35 -1.64 -0.20 -18.46
N ILE C 36 -1.25 -0.65 -17.27
CA ILE C 36 -1.58 0.03 -16.02
C ILE C 36 -0.26 0.26 -15.31
N PRO C 37 0.00 1.51 -14.88
CA PRO C 37 1.27 1.79 -14.17
C PRO C 37 1.32 1.10 -12.81
N GLY C 38 2.53 0.96 -12.28
CA GLY C 38 2.69 0.38 -10.95
C GLY C 38 2.56 -1.11 -10.73
N GLU C 39 2.85 -1.92 -11.74
CA GLU C 39 2.74 -3.36 -11.54
C GLU C 39 3.75 -3.82 -10.49
N VAL C 40 3.32 -4.70 -9.62
CA VAL C 40 4.17 -5.25 -8.57
C VAL C 40 4.16 -6.77 -8.74
N LYS C 41 5.32 -7.39 -8.65
CA LYS C 41 5.39 -8.85 -8.81
C LYS C 41 5.76 -9.56 -7.53
N ASN C 42 6.33 -8.82 -6.59
CA ASN C 42 6.79 -9.41 -5.34
C ASN C 42 6.68 -8.36 -4.24
N PHE C 43 6.16 -8.73 -3.08
CA PHE C 43 6.02 -7.76 -2.00
C PHE C 43 7.34 -7.26 -1.42
N LEU C 44 8.46 -7.82 -1.84
CA LEU C 44 9.74 -7.32 -1.37
C LEU C 44 9.90 -5.91 -1.94
N GLU C 45 9.20 -5.64 -3.04
CA GLU C 45 9.24 -4.33 -3.67
C GLU C 45 8.58 -3.29 -2.78
N VAL C 46 7.61 -3.75 -1.98
CA VAL C 46 6.89 -2.86 -1.08
C VAL C 46 7.62 -2.60 0.23
N VAL C 47 8.16 -3.64 0.84
CA VAL C 47 8.86 -3.45 2.11
C VAL C 47 10.14 -2.65 1.97
N GLN C 48 10.62 -2.48 0.74
CA GLN C 48 11.83 -1.69 0.51
C GLN C 48 11.49 -0.20 0.45
N VAL C 49 10.20 0.12 0.52
CA VAL C 49 9.76 1.51 0.51
C VAL C 49 9.70 1.99 1.97
N GLU C 50 10.31 3.14 2.24
CA GLU C 50 10.31 3.70 3.59
C GLU C 50 8.92 4.14 4.04
N SER C 51 8.61 3.90 5.31
CA SER C 51 7.34 4.34 5.89
C SER C 51 7.67 4.82 7.31
N LEU C 52 6.80 5.63 7.89
CA LEU C 52 7.03 6.19 9.23
C LEU C 52 6.86 5.23 10.38
N VAL C 53 7.79 5.31 11.34
CA VAL C 53 7.74 4.48 12.54
C VAL C 53 6.93 5.26 13.59
N GLU C 54 6.01 4.58 14.26
CA GLU C 54 5.17 5.18 15.29
C GLU C 54 6.03 5.15 16.56
N ILE C 55 7.16 5.85 16.47
CA ILE C 55 8.18 5.89 17.51
C ILE C 55 7.85 6.52 18.86
N ASN C 56 7.08 7.59 18.88
CA ASN C 56 6.74 8.22 20.16
C ASN C 56 5.43 7.66 20.68
N ASN C 57 5.43 6.35 20.94
CA ASN C 57 4.25 5.66 21.42
C ASN C 57 4.12 5.74 22.94
N VAL C 58 3.83 6.94 23.42
CA VAL C 58 3.67 7.17 24.85
C VAL C 58 2.29 7.77 25.11
N GLU C 59 1.84 7.66 26.36
CA GLU C 59 0.53 8.14 26.77
C GLU C 59 0.19 9.56 26.32
N SER C 60 1.14 10.48 26.44
CA SER C 60 0.93 11.87 26.07
C SER C 60 0.86 12.17 24.58
N ALA C 61 1.20 11.19 23.74
CA ALA C 61 1.17 11.40 22.30
C ALA C 61 -0.01 10.71 21.63
N GLU C 62 -0.83 11.48 20.93
CA GLU C 62 -1.98 10.92 20.25
C GLU C 62 -1.93 11.18 18.75
N GLY C 63 -2.36 10.19 17.98
CA GLY C 63 -2.38 10.32 16.53
C GLY C 63 -1.07 10.70 15.87
N VAL C 64 -1.14 11.69 14.99
CA VAL C 64 0.01 12.15 14.22
C VAL C 64 1.24 12.49 15.08
N ALA C 65 1.02 12.96 16.30
CA ALA C 65 2.12 13.31 17.18
C ALA C 65 3.02 12.11 17.50
N ARG C 66 2.48 10.90 17.36
CA ARG C 66 3.24 9.70 17.67
C ARG C 66 4.38 9.41 16.68
N TYR C 67 4.39 10.12 15.56
CA TYR C 67 5.44 9.93 14.57
C TYR C 67 6.65 10.84 14.83
N ARG C 68 6.49 11.80 15.72
CA ARG C 68 7.54 12.75 15.99
C ARG C 68 8.47 12.45 17.16
N ILE C 69 9.77 12.40 16.89
CA ILE C 69 10.77 12.19 17.94
C ILE C 69 11.04 13.59 18.46
N PRO C 70 10.78 13.84 19.75
CA PRO C 70 11.02 15.17 20.32
C PRO C 70 12.51 15.48 20.51
N LEU C 71 12.91 16.68 20.12
CA LEU C 71 14.28 17.14 20.27
C LEU C 71 14.17 18.50 20.95
N ASN C 72 15.10 18.84 21.83
CA ASN C 72 15.03 20.14 22.48
C ASN C 72 16.41 20.62 22.90
N VAL C 73 16.56 21.94 23.05
CA VAL C 73 17.82 22.51 23.47
C VAL C 73 18.16 21.97 24.85
N GLN C 74 19.33 21.36 24.96
CA GLN C 74 19.79 20.76 26.20
C GLN C 74 20.58 21.73 27.09
N ASP C 75 20.71 21.37 28.36
CA ASP C 75 21.49 22.16 29.31
C ASP C 75 22.43 21.18 30.02
N ALA C 76 22.62 20.03 29.41
CA ALA C 76 23.50 18.96 29.89
C ALA C 76 24.00 18.25 28.63
N MET C 77 25.10 17.52 28.75
CA MET C 77 25.64 16.85 27.57
C MET C 77 25.42 15.34 27.48
N ASP C 78 25.60 14.81 26.28
CA ASP C 78 25.50 13.38 26.00
C ASP C 78 24.16 12.70 26.29
N GLY C 79 23.08 13.46 26.38
CA GLY C 79 21.77 12.89 26.68
C GLY C 79 21.12 12.00 25.63
N GLN C 80 20.22 11.12 26.06
CA GLN C 80 19.54 10.22 25.14
C GLN C 80 18.31 10.86 24.52
N ILE C 81 18.00 10.48 23.29
CA ILE C 81 16.84 11.01 22.57
C ILE C 81 15.78 9.94 22.37
N MET C 82 16.19 8.73 22.01
CA MET C 82 15.24 7.65 21.83
C MET C 82 15.89 6.27 21.82
N ALA C 83 15.06 5.24 21.89
CA ALA C 83 15.54 3.86 21.88
C ALA C 83 14.44 2.99 21.28
N LEU C 84 14.83 1.88 20.66
CA LEU C 84 13.88 0.98 20.05
C LEU C 84 14.53 -0.35 19.71
N ARG C 85 13.79 -1.45 19.87
CA ARG C 85 14.32 -2.76 19.47
C ARG C 85 14.22 -2.70 17.95
N VAL C 86 15.21 -3.24 17.24
CA VAL C 86 15.16 -3.18 15.78
C VAL C 86 14.28 -4.24 15.11
N ASP C 87 13.87 -5.25 15.87
CA ASP C 87 13.04 -6.33 15.32
C ASP C 87 11.81 -5.77 14.61
N PRO C 88 11.70 -6.00 13.29
CA PRO C 88 10.59 -5.52 12.47
C PRO C 88 9.21 -6.15 12.65
N GLY C 89 9.14 -7.35 13.22
CA GLY C 89 7.85 -7.99 13.37
C GLY C 89 7.19 -8.02 14.74
N ILE C 90 7.84 -7.46 15.75
CA ILE C 90 7.26 -7.48 17.09
C ILE C 90 6.32 -6.32 17.36
N ASP C 91 5.47 -6.47 18.38
CA ASP C 91 4.54 -5.42 18.75
C ASP C 91 5.37 -4.20 19.14
N GLY C 92 4.90 -3.03 18.75
CA GLY C 92 5.62 -1.82 19.07
C GLY C 92 5.57 -0.84 17.90
N PRO C 93 6.39 0.22 17.93
CA PRO C 93 6.45 1.25 16.90
C PRO C 93 6.55 0.75 15.45
N MET C 94 7.16 -0.41 15.26
CA MET C 94 7.33 -0.97 13.91
C MET C 94 6.11 -1.71 13.36
N GLN C 95 5.22 -2.16 14.22
CA GLN C 95 4.08 -2.95 13.78
C GLN C 95 3.14 -2.34 12.76
N SER C 96 3.03 -1.01 12.73
CA SER C 96 2.13 -0.36 11.79
C SER C 96 2.82 0.16 10.53
N THR C 97 4.11 -0.13 10.38
CA THR C 97 4.85 0.30 9.18
C THR C 97 4.63 -0.70 8.06
N LEU C 98 4.99 -0.32 6.83
CA LEU C 98 4.85 -1.23 5.69
C LEU C 98 5.69 -2.46 5.95
N LEU C 99 6.94 -2.24 6.35
CA LEU C 99 7.86 -3.32 6.66
C LEU C 99 7.28 -4.21 7.75
N GLY C 100 6.75 -3.59 8.80
CA GLY C 100 6.18 -4.32 9.91
C GLY C 100 4.97 -5.17 9.54
N VAL C 101 4.06 -4.60 8.76
CA VAL C 101 2.86 -5.33 8.36
C VAL C 101 3.22 -6.60 7.59
N PHE C 102 4.07 -6.47 6.58
CA PHE C 102 4.45 -7.64 5.80
C PHE C 102 5.28 -8.62 6.60
N THR C 103 6.14 -8.10 7.49
CA THR C 103 6.93 -8.99 8.30
C THR C 103 5.98 -9.79 9.20
N ARG C 104 4.88 -9.17 9.61
CA ARG C 104 3.91 -9.84 10.47
C ARG C 104 3.05 -10.86 9.71
N TYR C 105 3.21 -10.90 8.39
CA TYR C 105 2.51 -11.88 7.56
C TYR C 105 3.43 -13.09 7.38
N TYR C 106 4.61 -13.05 8.00
CA TYR C 106 5.57 -14.15 7.89
C TYR C 106 6.16 -14.56 9.22
N ALA C 107 6.73 -15.76 9.27
CA ALA C 107 7.31 -16.28 10.51
C ALA C 107 8.80 -16.03 10.67
N GLN C 108 9.51 -15.82 9.55
CA GLN C 108 10.95 -15.59 9.61
C GLN C 108 11.39 -14.46 8.69
N TRP C 109 12.48 -13.80 9.05
CA TRP C 109 13.02 -12.70 8.25
C TRP C 109 14.54 -12.72 8.24
N SER C 110 15.10 -12.00 7.28
CA SER C 110 16.55 -11.86 7.16
C SER C 110 16.83 -10.59 6.38
N GLY C 111 18.00 -10.00 6.61
CA GLY C 111 18.36 -8.81 5.88
C GLY C 111 18.68 -7.57 6.67
N SER C 112 19.39 -6.65 6.03
CA SER C 112 19.76 -5.39 6.65
C SER C 112 18.54 -4.48 6.62
N LEU C 113 18.49 -3.51 7.52
CA LEU C 113 17.38 -2.58 7.59
C LEU C 113 17.85 -1.16 7.40
N ASP C 114 17.03 -0.37 6.71
CA ASP C 114 17.32 1.03 6.46
C ASP C 114 16.48 1.89 7.41
N PHE C 115 17.15 2.59 8.32
CA PHE C 115 16.47 3.50 9.23
C PHE C 115 16.94 4.88 8.82
N THR C 116 16.02 5.68 8.28
CA THR C 116 16.35 7.02 7.84
C THR C 116 15.61 8.03 8.72
N PHE C 117 16.28 9.12 9.02
CA PHE C 117 15.72 10.15 9.88
C PHE C 117 15.77 11.52 9.19
N MET C 118 14.70 12.28 9.33
CA MET C 118 14.64 13.61 8.73
C MET C 118 14.43 14.65 9.82
N PHE C 119 15.31 15.65 9.86
CA PHE C 119 15.18 16.71 10.85
C PHE C 119 14.21 17.74 10.33
N CYS C 120 13.30 18.20 11.19
CA CYS C 120 12.28 19.15 10.77
C CYS C 120 12.26 20.48 11.52
N GLY C 121 13.39 20.88 12.10
CA GLY C 121 13.45 22.15 12.80
C GLY C 121 13.64 23.28 11.79
N THR C 122 13.87 24.50 12.25
CA THR C 122 14.05 25.62 11.32
C THR C 122 15.40 25.50 10.62
N PHE C 123 15.55 26.26 9.54
CA PHE C 123 16.79 26.29 8.79
C PHE C 123 17.95 26.74 9.68
N MET C 124 17.66 27.59 10.66
CA MET C 124 18.69 28.12 11.57
C MET C 124 19.02 27.19 12.74
N THR C 125 18.19 26.17 12.94
CA THR C 125 18.41 25.23 14.03
C THR C 125 19.48 24.21 13.65
N THR C 126 20.53 24.12 14.46
CA THR C 126 21.61 23.18 14.17
C THR C 126 21.68 22.09 15.23
N GLY C 127 22.55 21.12 14.98
CA GLY C 127 22.72 20.04 15.93
C GLY C 127 23.43 18.85 15.32
N LYS C 128 23.97 18.01 16.19
CA LYS C 128 24.64 16.78 15.78
C LYS C 128 24.12 15.72 16.72
N VAL C 129 23.73 14.58 16.17
CA VAL C 129 23.25 13.49 16.99
C VAL C 129 23.93 12.22 16.52
N ILE C 130 24.01 11.24 17.40
CA ILE C 130 24.62 9.97 17.05
C ILE C 130 23.53 8.90 17.17
N ILE C 131 23.44 8.06 16.14
CA ILE C 131 22.45 7.00 16.12
C ILE C 131 23.23 5.69 16.07
N ALA C 132 22.96 4.82 17.02
CA ALA C 132 23.70 3.57 17.10
C ALA C 132 22.87 2.31 17.10
N TYR C 133 23.45 1.26 16.52
CA TYR C 133 22.82 -0.05 16.49
C TYR C 133 23.67 -0.93 17.39
N THR C 134 23.04 -1.52 18.39
CA THR C 134 23.72 -2.39 19.33
C THR C 134 23.36 -3.84 19.07
N PRO C 135 24.30 -4.64 18.53
CA PRO C 135 23.99 -6.05 18.26
C PRO C 135 23.64 -6.69 19.61
N PRO C 136 22.85 -7.78 19.58
CA PRO C 136 22.44 -8.48 20.80
C PRO C 136 23.51 -9.06 21.72
N GLY C 137 23.05 -9.46 22.90
CA GLY C 137 23.93 -10.03 23.90
C GLY C 137 23.58 -9.51 25.28
N GLY C 138 23.30 -8.21 25.37
CA GLY C 138 22.96 -7.61 26.63
C GLY C 138 21.73 -6.73 26.54
N ASP C 139 21.62 -5.76 27.44
CA ASP C 139 20.49 -4.84 27.44
C ASP C 139 20.83 -3.62 26.58
N GLN C 140 19.85 -2.74 26.37
CA GLN C 140 20.11 -1.56 25.57
C GLN C 140 21.20 -0.73 26.27
N PRO C 141 22.04 -0.03 25.50
CA PRO C 141 23.10 0.78 26.11
C PRO C 141 22.52 1.82 27.07
N THR C 142 23.20 2.00 28.20
CA THR C 142 22.75 2.94 29.23
C THR C 142 23.22 4.38 29.02
N ASN C 143 24.28 4.57 28.25
CA ASN C 143 24.78 5.90 27.99
C ASN C 143 25.42 5.98 26.62
N ARG C 144 25.72 7.20 26.17
CA ARG C 144 26.30 7.41 24.85
C ARG C 144 27.64 6.69 24.67
N ARG C 145 28.47 6.67 25.70
CA ARG C 145 29.77 6.00 25.58
C ARG C 145 29.59 4.53 25.25
N GLN C 146 28.64 3.87 25.91
CA GLN C 146 28.42 2.46 25.65
C GLN C 146 27.81 2.27 24.26
N ALA C 147 26.88 3.13 23.89
CA ALA C 147 26.22 3.04 22.59
C ALA C 147 27.17 3.20 21.41
N MET C 148 28.10 4.15 21.50
CA MET C 148 29.01 4.41 20.39
C MET C 148 30.00 3.29 20.08
N LEU C 149 30.05 2.27 20.92
CA LEU C 149 30.97 1.15 20.68
C LEU C 149 30.39 0.23 19.61
N GLY C 150 29.10 0.41 19.30
CA GLY C 150 28.47 -0.41 18.29
C GLY C 150 28.44 0.27 16.92
N THR C 151 27.64 -0.27 16.01
CA THR C 151 27.53 0.32 14.67
C THR C 151 26.81 1.65 14.81
N HIS C 152 27.33 2.70 14.19
CA HIS C 152 26.67 3.99 14.33
C HIS C 152 27.00 5.00 13.25
N VAL C 153 26.24 6.09 13.26
CA VAL C 153 26.43 7.18 12.32
C VAL C 153 26.28 8.48 13.11
N VAL C 154 27.12 9.46 12.80
CA VAL C 154 27.02 10.76 13.43
C VAL C 154 26.38 11.65 12.38
N TRP C 155 25.24 12.23 12.74
CA TRP C 155 24.44 13.06 11.87
C TRP C 155 24.57 14.53 12.17
N ASP C 156 24.88 15.31 11.14
CA ASP C 156 25.02 16.76 11.27
C ASP C 156 23.84 17.42 10.56
N PHE C 157 23.02 18.16 11.30
CA PHE C 157 21.87 18.83 10.69
C PHE C 157 22.37 19.86 9.69
N GLY C 158 21.77 19.88 8.51
CA GLY C 158 22.19 20.83 7.50
C GLY C 158 21.28 20.79 6.27
N LEU C 159 21.79 21.29 5.15
CA LEU C 159 21.01 21.32 3.91
C LEU C 159 20.38 19.98 3.60
N GLN C 160 21.18 18.91 3.64
CA GLN C 160 20.63 17.58 3.41
C GLN C 160 19.99 17.26 4.76
N SER C 161 18.65 17.30 4.77
CA SER C 161 17.87 17.11 5.98
C SER C 161 17.86 15.75 6.64
N SER C 162 18.24 14.72 5.90
CA SER C 162 18.16 13.37 6.43
C SER C 162 19.46 12.59 6.49
N ILE C 163 19.42 11.52 7.26
CA ILE C 163 20.58 10.64 7.43
C ILE C 163 20.06 9.22 7.47
N THR C 164 20.89 8.28 7.06
CA THR C 164 20.50 6.89 7.11
C THR C 164 21.45 6.10 8.01
N LEU C 165 20.88 5.27 8.87
CA LEU C 165 21.68 4.39 9.70
C LEU C 165 21.27 3.03 9.18
N VAL C 166 22.22 2.29 8.63
CA VAL C 166 21.88 0.96 8.16
C VAL C 166 22.11 0.01 9.33
N VAL C 167 21.09 -0.77 9.66
CA VAL C 167 21.23 -1.76 10.72
C VAL C 167 21.56 -3.00 9.89
N PRO C 168 22.86 -3.29 9.74
CA PRO C 168 23.28 -4.45 8.95
C PRO C 168 22.82 -5.76 9.53
N TRP C 169 22.59 -6.74 8.67
CA TRP C 169 22.17 -8.04 9.13
C TRP C 169 23.37 -8.68 9.82
N ILE C 170 23.29 -8.78 11.15
CA ILE C 170 24.34 -9.41 11.93
C ILE C 170 23.56 -10.39 12.79
N SER C 171 23.62 -11.65 12.41
CA SER C 171 22.88 -12.69 13.09
C SER C 171 23.66 -13.99 13.06
N SER C 172 23.43 -14.84 14.07
CA SER C 172 24.10 -16.13 14.12
C SER C 172 23.55 -16.99 12.98
N GLY C 173 22.23 -17.01 12.84
CA GLY C 173 21.60 -17.78 11.79
C GLY C 173 21.21 -16.93 10.59
N HIS C 174 20.97 -17.59 9.45
CA HIS C 174 20.59 -16.91 8.22
C HIS C 174 19.24 -16.20 8.33
N PHE C 175 18.38 -16.67 9.24
CA PHE C 175 17.08 -16.06 9.45
C PHE C 175 16.79 -15.93 10.94
N ARG C 176 15.82 -15.09 11.27
CA ARG C 176 15.38 -14.88 12.65
C ARG C 176 13.86 -15.03 12.66
N GLY C 177 13.31 -15.43 13.79
CA GLY C 177 11.87 -15.54 13.90
C GLY C 177 11.38 -14.09 13.94
N THR C 178 10.15 -13.85 13.47
CA THR C 178 9.62 -12.49 13.47
C THR C 178 8.98 -12.07 14.78
N THR C 179 8.77 -13.03 15.67
CA THR C 179 8.22 -12.73 16.98
C THR C 179 9.28 -13.06 18.02
N LEU C 180 9.20 -12.43 19.19
CA LEU C 180 10.14 -12.71 20.26
C LEU C 180 9.36 -13.31 21.43
N GLU C 181 8.15 -13.80 21.12
CA GLU C 181 7.26 -14.44 22.11
C GLU C 181 8.11 -15.44 22.88
N ASN C 182 8.12 -15.29 24.20
CA ASN C 182 8.95 -16.14 25.05
C ASN C 182 8.24 -17.25 25.82
N THR C 183 7.16 -16.92 26.51
CA THR C 183 6.43 -17.89 27.32
C THR C 183 6.23 -19.27 26.71
N ILE C 184 5.95 -19.32 25.42
CA ILE C 184 5.72 -20.61 24.75
C ILE C 184 6.90 -21.13 23.93
N TYR C 185 7.37 -20.31 23.00
CA TYR C 185 8.45 -20.70 22.10
C TYR C 185 9.88 -20.28 22.47
N LYS C 186 10.01 -19.42 23.47
CA LYS C 186 11.33 -18.96 23.89
C LYS C 186 12.06 -18.27 22.74
N TYR C 187 11.31 -17.58 21.89
CA TYR C 187 11.89 -16.88 20.74
C TYR C 187 12.68 -15.63 21.08
N ARG C 188 12.77 -15.29 22.36
CA ARG C 188 13.57 -14.14 22.78
C ARG C 188 14.99 -14.42 22.26
N TYR C 189 15.23 -15.68 21.93
CA TYR C 189 16.48 -16.19 21.38
C TYR C 189 16.92 -15.35 20.17
N TYR C 190 15.96 -14.92 19.38
CA TYR C 190 16.19 -14.17 18.15
C TYR C 190 16.35 -12.65 18.25
N GLU C 191 16.26 -12.06 19.43
CA GLU C 191 16.34 -10.60 19.51
C GLU C 191 17.50 -10.03 18.68
N ALA C 192 17.16 -9.07 17.81
CA ALA C 192 18.14 -8.49 16.90
C ALA C 192 18.93 -7.29 17.41
N GLY C 193 18.62 -6.82 18.61
CA GLY C 193 19.36 -5.69 19.12
C GLY C 193 18.57 -4.41 19.28
N TYR C 194 19.29 -3.31 19.47
CA TYR C 194 18.67 -2.02 19.69
C TYR C 194 19.22 -0.90 18.85
N ILE C 195 18.39 0.12 18.64
CA ILE C 195 18.80 1.31 17.94
C ILE C 195 18.53 2.41 18.98
N THR C 196 19.54 3.25 19.22
CA THR C 196 19.38 4.35 20.17
C THR C 196 19.93 5.62 19.56
N MET C 197 19.42 6.76 20.00
CA MET C 197 19.86 8.05 19.49
C MET C 197 20.24 8.93 20.67
N TRP C 198 21.34 9.67 20.52
CA TRP C 198 21.84 10.54 21.58
C TRP C 198 22.30 11.88 21.02
N TYR C 199 22.34 12.90 21.87
CA TYR C 199 22.84 14.19 21.44
C TYR C 199 24.35 14.00 21.31
N GLN C 200 24.92 14.38 20.16
CA GLN C 200 26.36 14.28 19.97
C GLN C 200 26.93 15.60 20.51
N THR C 201 26.25 16.70 20.18
CA THR C 201 26.62 18.02 20.72
C THR C 201 25.36 18.52 21.40
N ASN C 202 24.59 19.36 20.73
CA ASN C 202 23.34 19.89 21.29
C ASN C 202 22.52 20.50 20.16
N MET C 203 21.23 20.68 20.39
CA MET C 203 20.38 21.34 19.41
C MET C 203 20.58 22.80 19.79
N VAL C 204 20.95 23.64 18.82
CA VAL C 204 21.21 25.05 19.11
C VAL C 204 20.34 25.95 18.24
N VAL C 205 19.77 26.98 18.84
CA VAL C 205 18.90 27.90 18.09
C VAL C 205 19.18 29.36 18.37
N PRO C 206 18.73 30.25 17.47
CA PRO C 206 18.91 31.70 17.61
C PRO C 206 17.92 32.22 18.66
N PRO C 207 17.95 33.53 18.96
CA PRO C 207 17.05 34.12 19.95
C PRO C 207 15.58 33.97 19.57
N ASN C 208 14.74 33.68 20.57
CA ASN C 208 13.30 33.55 20.40
C ASN C 208 12.80 32.47 19.45
N PHE C 209 13.67 31.54 19.08
CA PHE C 209 13.29 30.45 18.19
C PHE C 209 12.66 29.31 18.99
N PRO C 210 11.93 28.41 18.32
CA PRO C 210 11.32 27.29 19.04
C PRO C 210 12.49 26.49 19.62
N THR C 211 12.44 26.18 20.91
CA THR C 211 13.53 25.43 21.54
C THR C 211 13.27 23.93 21.48
N THR C 212 12.21 23.55 20.79
CA THR C 212 11.88 22.14 20.60
C THR C 212 11.67 21.96 19.11
N ALA C 213 12.02 20.77 18.62
CA ALA C 213 11.87 20.46 17.20
C ALA C 213 11.57 18.98 17.08
N SER C 214 11.31 18.52 15.87
CA SER C 214 10.99 17.12 15.65
C SER C 214 11.85 16.44 14.60
N ILE C 215 11.96 15.12 14.74
CA ILE C 215 12.68 14.29 13.81
C ILE C 215 11.67 13.22 13.41
N LEU C 216 11.56 12.95 12.10
CA LEU C 216 10.66 11.91 11.63
C LEU C 216 11.54 10.69 11.37
N MET C 217 11.03 9.51 11.70
CA MET C 217 11.78 8.27 11.55
C MET C 217 11.16 7.33 10.52
N PHE C 218 11.96 6.95 9.53
CA PHE C 218 11.52 6.06 8.45
C PHE C 218 12.26 4.73 8.52
N VAL C 219 11.60 3.66 8.08
CA VAL C 219 12.25 2.36 8.06
C VAL C 219 11.85 1.60 6.80
N ALA C 220 12.78 0.79 6.29
CA ALA C 220 12.54 -0.01 5.10
C ALA C 220 13.52 -1.16 5.06
N ALA C 221 13.21 -2.17 4.27
CA ALA C 221 14.09 -3.32 4.12
C ALA C 221 15.17 -2.95 3.10
N GLN C 222 16.35 -3.54 3.25
CA GLN C 222 17.45 -3.32 2.31
C GLN C 222 17.31 -4.39 1.21
N PRO C 223 18.12 -4.30 0.15
CA PRO C 223 18.08 -5.27 -0.96
C PRO C 223 18.43 -6.73 -0.62
N ASN C 224 18.96 -6.98 0.58
CA ASN C 224 19.31 -8.36 0.94
C ASN C 224 18.28 -8.94 1.92
N PHE C 225 17.13 -8.30 2.01
CA PHE C 225 16.05 -8.70 2.90
C PHE C 225 15.05 -9.68 2.26
N SER C 226 14.59 -10.65 3.04
CA SER C 226 13.61 -11.62 2.56
C SER C 226 12.78 -12.15 3.72
N LEU C 227 11.65 -12.76 3.41
CA LEU C 227 10.74 -13.32 4.42
C LEU C 227 10.36 -14.74 4.06
N ARG C 228 10.10 -15.57 5.07
CA ARG C 228 9.72 -16.96 4.83
C ARG C 228 8.57 -17.40 5.75
N ILE C 229 7.79 -18.36 5.27
CA ILE C 229 6.67 -18.95 5.99
C ILE C 229 5.53 -17.98 6.26
N LEU C 230 4.58 -17.94 5.33
CA LEU C 230 3.43 -17.05 5.43
C LEU C 230 2.57 -17.46 6.63
N LYS C 231 1.98 -16.47 7.30
CA LYS C 231 1.12 -16.73 8.45
C LYS C 231 0.12 -15.60 8.51
N ASP C 232 -1.01 -15.83 9.17
CA ASP C 232 -2.02 -14.78 9.26
C ASP C 232 -1.56 -13.62 10.14
N ARG C 233 -1.78 -12.42 9.64
CA ARG C 233 -1.41 -11.20 10.34
C ARG C 233 -2.26 -11.12 11.62
N PRO C 234 -1.61 -11.08 12.78
CA PRO C 234 -2.32 -11.03 14.06
C PRO C 234 -3.21 -9.81 14.32
N ASP C 235 -3.01 -8.75 13.54
CA ASP C 235 -3.77 -7.52 13.71
C ASP C 235 -5.16 -7.56 13.09
N ILE C 236 -5.39 -8.48 12.15
CA ILE C 236 -6.68 -8.59 11.47
C ILE C 236 -7.56 -9.65 12.12
N SER C 237 -8.65 -9.23 12.73
CA SER C 237 -9.55 -10.16 13.40
C SER C 237 -11.00 -9.70 13.37
N GLN C 238 -11.90 -10.58 13.83
CA GLN C 238 -13.31 -10.24 13.87
C GLN C 238 -14.02 -11.18 14.83
N GLU C 239 -15.21 -10.76 15.28
CA GLU C 239 -16.00 -11.59 16.19
C GLU C 239 -16.94 -12.43 15.34
N GLY C 240 -18.01 -11.81 14.86
CA GLY C 240 -18.96 -12.52 14.02
C GLY C 240 -18.76 -12.11 12.58
N ALA C 241 -19.50 -12.73 11.66
CA ALA C 241 -19.40 -12.39 10.24
C ALA C 241 -19.89 -10.95 10.05
N LEU C 242 -19.25 -10.22 9.15
CA LEU C 242 -19.64 -8.84 8.91
C LEU C 242 -20.87 -8.77 8.00
N GLN C 243 -21.72 -7.79 8.25
CA GLN C 243 -22.92 -7.61 7.45
C GLN C 243 -22.85 -6.31 6.64
N GLY D 22 14.51 -26.63 -2.11
CA GLY D 22 13.77 -25.64 -2.93
C GLY D 22 12.94 -26.28 -4.03
N SER D 23 12.64 -25.53 -5.08
CA SER D 23 11.85 -26.06 -6.18
C SER D 23 12.63 -27.08 -7.01
N ASN D 24 11.91 -28.05 -7.58
CA ASN D 24 12.52 -29.08 -8.40
C ASN D 24 12.93 -28.52 -9.75
N ILE D 25 14.10 -28.93 -10.23
CA ILE D 25 14.59 -28.48 -11.52
C ILE D 25 13.81 -29.17 -12.62
N HIS D 26 13.26 -30.34 -12.31
CA HIS D 26 12.48 -31.11 -13.27
C HIS D 26 11.22 -31.68 -12.61
N TYR D 27 10.09 -31.55 -13.30
CA TYR D 27 8.81 -32.04 -12.81
C TYR D 27 7.72 -31.89 -13.87
N THR D 28 6.71 -32.75 -13.81
CA THR D 28 5.61 -32.73 -14.77
C THR D 28 4.99 -31.34 -14.92
N ASN D 29 4.73 -30.96 -16.17
CA ASN D 29 4.15 -29.65 -16.48
C ASN D 29 3.23 -29.75 -17.69
N ILE D 30 2.21 -30.59 -17.59
CA ILE D 30 1.25 -30.78 -18.67
C ILE D 30 -0.13 -30.30 -18.24
N ASN D 31 -0.79 -29.52 -19.09
CA ASN D 31 -2.14 -29.03 -18.79
C ASN D 31 -3.17 -30.02 -19.30
N TYR D 32 -4.08 -30.43 -18.41
CA TYR D 32 -5.13 -31.38 -18.78
C TYR D 32 -6.42 -30.72 -19.22
N TYR D 33 -6.56 -29.43 -18.95
CA TYR D 33 -7.79 -28.74 -19.27
C TYR D 33 -7.71 -27.69 -20.38
N GLU D 34 -8.86 -27.36 -20.94
CA GLU D 34 -8.98 -26.40 -22.03
C GLU D 34 -8.65 -24.95 -21.68
N ASN D 35 -9.18 -24.47 -20.56
CA ASN D 35 -8.99 -23.09 -20.16
C ASN D 35 -7.80 -22.88 -19.22
N ALA D 36 -7.02 -21.83 -19.46
CA ALA D 36 -5.86 -21.52 -18.63
C ALA D 36 -6.24 -21.34 -17.16
N ALA D 37 -7.48 -20.98 -16.89
CA ALA D 37 -7.93 -20.78 -15.51
C ALA D 37 -7.81 -22.08 -14.72
N SER D 38 -7.83 -23.21 -15.42
CA SER D 38 -7.72 -24.53 -14.78
C SER D 38 -6.30 -24.87 -14.35
N ASN D 39 -5.32 -24.21 -14.96
CA ASN D 39 -3.90 -24.49 -14.67
C ASN D 39 -3.51 -24.27 -13.22
N SER D 40 -2.46 -24.98 -12.81
CA SER D 40 -1.94 -24.85 -11.45
C SER D 40 -1.26 -23.48 -11.33
N LEU D 41 -0.82 -23.14 -10.12
CA LEU D 41 -0.18 -21.86 -9.86
C LEU D 41 1.04 -21.57 -10.72
N ASN D 42 1.31 -20.29 -10.95
CA ASN D 42 2.48 -19.88 -11.72
C ASN D 42 3.71 -20.28 -10.92
N LYS D 43 4.81 -20.56 -11.61
CA LYS D 43 6.03 -21.00 -10.94
C LYS D 43 7.25 -20.08 -11.13
N GLN D 44 7.02 -18.81 -11.43
CA GLN D 44 8.13 -17.87 -11.61
C GLN D 44 8.61 -17.42 -10.23
N ASP D 45 7.83 -16.54 -9.61
CA ASP D 45 8.11 -16.05 -8.26
C ASP D 45 9.32 -15.16 -8.06
N PHE D 46 9.75 -14.44 -9.09
CA PHE D 46 10.91 -13.57 -8.90
C PHE D 46 10.45 -12.21 -8.39
N THR D 47 11.42 -11.33 -8.16
CA THR D 47 11.10 -9.98 -7.72
C THR D 47 11.73 -9.06 -8.75
N GLN D 48 11.37 -7.80 -8.73
CA GLN D 48 11.94 -6.86 -9.69
C GLN D 48 12.51 -5.64 -8.99
N ASP D 49 13.37 -4.91 -9.70
CA ASP D 49 13.95 -3.69 -9.15
C ASP D 49 12.77 -2.88 -8.64
N PRO D 50 12.81 -2.44 -7.37
CA PRO D 50 11.72 -1.67 -6.77
C PRO D 50 11.72 -0.17 -7.01
N GLU D 51 12.65 0.31 -7.86
CA GLU D 51 12.78 1.73 -8.14
C GLU D 51 11.51 2.52 -8.45
N LYS D 52 10.55 1.89 -9.15
CA LYS D 52 9.33 2.60 -9.49
C LYS D 52 8.57 2.99 -8.22
N PHE D 53 8.85 2.31 -7.12
CA PHE D 53 8.20 2.61 -5.85
C PHE D 53 9.14 3.31 -4.86
N THR D 54 10.40 2.86 -4.85
CA THR D 54 11.38 3.42 -3.92
C THR D 54 12.06 4.72 -4.36
N ARG D 55 12.24 4.90 -5.66
CA ARG D 55 12.88 6.12 -6.15
C ARG D 55 12.25 6.61 -7.45
N PRO D 56 10.97 6.98 -7.40
CA PRO D 56 10.23 7.46 -8.57
C PRO D 56 10.51 8.94 -8.83
N VAL D 57 11.79 9.27 -9.05
CA VAL D 57 12.17 10.65 -9.30
C VAL D 57 12.72 10.87 -10.69
N VAL D 58 12.57 12.10 -11.19
CA VAL D 58 13.04 12.46 -12.52
C VAL D 58 14.56 12.57 -12.60
N ASP D 59 15.17 13.25 -11.62
CA ASP D 59 16.62 13.42 -11.61
C ASP D 59 17.30 12.34 -10.79
N VAL D 60 18.31 11.70 -11.39
CA VAL D 60 19.07 10.67 -10.69
C VAL D 60 19.84 11.31 -9.55
N MET D 61 19.80 10.66 -8.39
CA MET D 61 20.53 11.15 -7.23
C MET D 61 21.45 10.01 -6.81
N LYS D 62 22.69 10.07 -7.29
CA LYS D 62 23.68 9.03 -7.00
C LYS D 62 23.94 8.84 -5.52
N GLU D 63 24.19 7.60 -5.13
CA GLU D 63 24.45 7.30 -3.72
C GLU D 63 25.62 8.07 -3.14
N ALA D 64 26.67 8.28 -3.91
CA ALA D 64 27.85 8.98 -3.41
C ALA D 64 27.78 10.52 -3.36
N ALA D 65 26.75 11.10 -3.95
CA ALA D 65 26.64 12.56 -3.96
C ALA D 65 25.56 13.05 -3.00
N VAL D 66 25.47 14.35 -2.78
CA VAL D 66 24.42 14.87 -1.91
C VAL D 66 23.15 14.86 -2.77
N PRO D 67 21.99 14.63 -2.15
CA PRO D 67 20.73 14.62 -2.91
C PRO D 67 20.36 15.93 -3.60
N LEU D 68 20.45 17.03 -2.85
CA LEU D 68 20.07 18.33 -3.40
C LEU D 68 21.17 19.38 -3.43
N LYS D 69 21.22 20.13 -4.53
CA LYS D 69 22.20 21.20 -4.71
C LYS D 69 21.60 22.35 -5.52
N GLY E . -15.14 -18.80 11.77
CA GLY E . -14.58 -19.55 10.67
C GLY E . -14.97 -21.01 10.66
O GLY E . -14.55 -21.73 9.72
OXT GLY E . -15.68 -21.46 11.59
C1 STE F . -14.91 -8.26 -3.80
O1 STE F . -14.59 -7.14 -4.08
O2 STE F . -15.71 -8.48 -2.92
C2 STE F . -14.28 -9.42 -4.57
C3 STE F . -14.20 -9.32 -6.06
C4 STE F . -13.62 -10.57 -6.70
C5 STE F . -14.59 -11.64 -7.06
C6 STE F . -14.11 -12.58 -8.18
C7 STE F . -14.75 -13.93 -8.21
C8 STE F . -15.96 -14.04 -9.02
C9 STE F . -16.26 -15.40 -9.48
C10 STE F . -17.68 -15.84 -9.33
C11 STE F . -18.01 -17.21 -9.73
C12 STE F . -18.02 -18.15 -8.58
C13 STE F . -18.19 -19.57 -8.93
C14 STE F . -18.20 -20.50 -7.75
C15 STE F . -18.30 -21.97 -8.05
C16 STE F . -19.67 -22.51 -8.31
C17 STE F . -19.71 -23.82 -9.06
C18 STE F . -20.79 -23.89 -10.15
K K G . 22.55 -13.14 -4.78
K K H . 23.71 10.26 -0.63
S SO4 I . -8.13 4.98 21.10
O1 SO4 I . -6.85 5.07 21.83
O2 SO4 I . -8.27 6.15 20.21
O3 SO4 I . -9.24 4.97 22.07
O4 SO4 I . -8.15 3.74 20.31
C1 GOL J . -7.29 1.44 1.82
O1 GOL J . -6.09 1.27 1.07
C2 GOL J . -8.53 1.27 0.97
O2 GOL J . -8.46 2.17 -0.12
C3 GOL J . -8.69 -0.14 0.45
O3 GOL J . -9.86 -0.28 -0.35
S SO4 K . -32.59 -13.89 1.02
O1 SO4 K . -31.22 -13.35 0.91
O2 SO4 K . -33.20 -13.45 2.29
O3 SO4 K . -32.54 -15.36 0.99
O4 SO4 K . -33.39 -13.40 -0.12
S SO4 L . -27.73 6.57 2.37
O1 SO4 L . -28.38 7.89 2.48
O2 SO4 L . -26.37 6.75 1.83
O3 SO4 L . -27.65 5.94 3.70
O4 SO4 L . -28.51 5.70 1.46
C1 GOL M . -28.78 -15.29 6.77
O1 GOL M . -28.28 -14.24 5.93
C2 GOL M . -27.76 -15.69 7.80
O2 GOL M . -28.33 -16.70 8.63
C3 GOL M . -26.49 -16.22 7.18
O3 GOL M . -25.52 -16.58 8.16
K K N . -6.72 17.45 -32.30
S SO4 O . -20.92 8.35 11.32
O1 SO4 O . -20.28 9.55 10.74
O2 SO4 O . -20.79 8.41 12.79
O3 SO4 O . -22.35 8.33 10.95
O4 SO4 O . -20.26 7.14 10.82
N CYS P . -15.50 -15.31 12.97
CA CYS P . -15.78 -16.77 12.96
C CYS P . -15.18 -17.47 11.74
O CYS P . -14.75 -16.81 10.80
CB CYS P . -17.30 -16.99 12.99
SG CYS P . -18.17 -15.93 11.82
K K Q . 17.15 1.71 1.31
CL CL R . 5.49 -9.14 19.80
CL CL S . 9.83 -8.27 24.24
S SO4 T . 6.58 -12.85 26.21
O1 SO4 T . 7.46 -12.62 27.37
O2 SO4 T . 7.28 -12.44 24.98
O3 SO4 T . 6.24 -14.28 26.12
O4 SO4 T . 5.35 -12.05 26.35
S SO4 U . -0.69 17.13 15.97
O1 SO4 U . 0.04 16.85 14.72
O2 SO4 U . -0.43 18.51 16.41
O3 SO4 U . -0.24 16.20 17.03
O4 SO4 U . -2.14 16.94 15.75
#